data_5G6V
#
_entry.id   5G6V
#
_cell.length_a   57.190
_cell.length_b   86.940
_cell.length_c   146.250
_cell.angle_alpha   90.00
_cell.angle_beta   90.00
_cell.angle_gamma   90.00
#
_symmetry.space_group_name_H-M   'P 21 2 21'
#
loop_
_entity.id
_entity.type
_entity.pdbx_description
1 polymer 'CYCLIN-DEPENDENT KINASE 16'
2 non-polymer 4-[4-({[3-tert-butyl-1-(quinolin-6-yl)-1H-pyrazol-5-yl]carbamoyl}amino)-3-fluorophenoxy]-N-methylpyridine-2-carboxamide
3 non-polymer 1,2-ETHANEDIOL
4 water water
#
_entity_poly.entity_id   1
_entity_poly.type   'polypeptide(L)'
_entity_poly.pdbx_seq_one_letter_code
;METYIKLDKLGEGTYATVYKGKSKLTDNLVALKEIRLEHEEGAPCTAIREVSLLKDLKHANIVTLHDIIHTEKSLTLVFE
YLDKDLKQYLDDCGNIINMHNVKLFLFQLLRGLAYCHRQKVLHRDLKPQNLLINERGELKLADFGLARAKSIPTKTYDNE
VVTLWYRPPDILLGSTDYSTQIDMWGVGCIFYEMATGRPLFPGSTVEEQLHFIFRILGTPTEETWPGILSNEEFKTYNYP
KYRAEALLSHAPRLDSDGADLLTKLLQFEGRNRISAEDAMKHPFFLSLGERIHKLPDTTSIFALKEIQLQKEASLRSAHH
HHHH
;
_entity_poly.pdbx_strand_id   A,B
#
loop_
_chem_comp.id
_chem_comp.type
_chem_comp.name
_chem_comp.formula
919 non-polymer 4-[4-({[3-tert-butyl-1-(quinolin-6-yl)-1H-pyrazol-5-yl]carbamoyl}amino)-3-fluorophenoxy]-N-methylpyridine-2-carboxamide 'C30 H28 F N7 O3'
EDO non-polymer 1,2-ETHANEDIOL 'C2 H6 O2'
#
# COMPACT_ATOMS: atom_id res chain seq x y z
N MET A 1 0.56 17.56 -23.02
CA MET A 1 0.49 17.36 -24.51
C MET A 1 -0.48 16.26 -24.94
N GLU A 2 -0.27 15.01 -24.51
CA GLU A 2 -1.28 13.97 -24.82
C GLU A 2 -2.57 14.23 -24.06
N THR A 3 -3.67 14.26 -24.81
CA THR A 3 -4.98 14.58 -24.27
C THR A 3 -5.94 13.44 -24.55
N TYR A 4 -7.05 13.42 -23.82
CA TYR A 4 -7.98 12.28 -23.82
C TYR A 4 -9.42 12.76 -23.84
N ILE A 5 -10.32 11.97 -24.42
CA ILE A 5 -11.78 12.18 -24.28
C ILE A 5 -12.40 11.06 -23.49
N LYS A 6 -13.50 11.38 -22.79
CA LYS A 6 -14.27 10.37 -22.06
C LYS A 6 -15.34 9.85 -22.97
N LEU A 7 -15.56 8.54 -22.94
CA LEU A 7 -16.59 7.89 -23.77
C LEU A 7 -17.72 7.28 -22.94
N ASP A 8 -17.37 6.57 -21.89
CA ASP A 8 -18.36 5.87 -21.10
C ASP A 8 -17.86 5.74 -19.66
N LYS A 9 -18.77 5.33 -18.78
CA LYS A 9 -18.52 5.15 -17.35
C LYS A 9 -18.29 3.68 -17.04
N LEU A 10 -17.10 3.34 -16.56
CA LEU A 10 -16.73 1.94 -16.23
C LEU A 10 -16.99 1.60 -14.74
N GLY A 11 -16.79 2.57 -13.87
CA GLY A 11 -17.00 2.36 -12.45
C GLY A 11 -16.97 3.65 -11.69
N GLU A 12 -17.53 3.61 -10.48
CA GLU A 12 -17.76 4.80 -9.70
C GLU A 12 -17.59 4.50 -8.23
N GLY A 13 -16.78 5.30 -7.58
CA GLY A 13 -16.52 5.16 -6.16
C GLY A 13 -16.92 6.41 -5.42
N THR A 14 -16.44 6.50 -4.19
CA THR A 14 -16.71 7.64 -3.32
C THR A 14 -15.88 8.84 -3.80
N TYR A 15 -14.56 8.66 -3.89
CA TYR A 15 -13.62 9.71 -4.30
C TYR A 15 -13.29 9.71 -5.80
N ALA A 16 -13.62 8.62 -6.51
CA ALA A 16 -13.20 8.49 -7.90
C ALA A 16 -14.23 7.90 -8.82
N THR A 17 -14.19 8.33 -10.08
CA THR A 17 -14.97 7.73 -11.18
C THR A 17 -13.99 7.26 -12.24
N VAL A 18 -14.21 6.06 -12.76
CA VAL A 18 -13.37 5.49 -13.82
C VAL A 18 -14.15 5.52 -15.10
N TYR A 19 -13.63 6.26 -16.09
CA TYR A 19 -14.24 6.35 -17.43
C TYR A 19 -13.46 5.53 -18.47
N LYS A 20 -14.18 4.95 -19.42
CA LYS A 20 -13.56 4.48 -20.65
C LYS A 20 -13.30 5.72 -21.48
N GLY A 21 -12.13 5.79 -22.10
CA GLY A 21 -11.76 6.93 -22.91
C GLY A 21 -10.91 6.58 -24.09
N LYS A 22 -10.35 7.62 -24.71
CA LYS A 22 -9.59 7.48 -25.95
C LYS A 22 -8.56 8.57 -26.04
N SER A 23 -7.34 8.20 -26.40
CA SER A 23 -6.29 9.20 -26.62
C SER A 23 -6.59 9.92 -27.93
N LYS A 24 -6.48 11.23 -27.91
CA LYS A 24 -6.51 12.01 -29.15
C LYS A 24 -5.18 11.98 -29.92
N LEU A 25 -4.07 11.61 -29.26
CA LEU A 25 -2.75 11.47 -29.92
C LEU A 25 -2.63 10.15 -30.67
N THR A 26 -2.99 9.04 -30.02
CA THR A 26 -2.78 7.71 -30.58
C THR A 26 -4.01 7.00 -31.13
N ASP A 27 -5.21 7.49 -30.80
CA ASP A 27 -6.49 6.74 -30.96
C ASP A 27 -6.66 5.53 -30.01
N ASN A 28 -5.69 5.25 -29.12
CA ASN A 28 -5.78 4.07 -28.24
C ASN A 28 -6.85 4.27 -27.17
N LEU A 29 -7.64 3.23 -26.88
CA LEU A 29 -8.59 3.28 -25.77
C LEU A 29 -7.85 3.26 -24.43
N VAL A 30 -8.37 4.00 -23.46
CA VAL A 30 -7.77 4.10 -22.13
C VAL A 30 -8.87 4.03 -21.08
N ALA A 31 -8.44 3.82 -19.85
CA ALA A 31 -9.31 4.00 -18.72
C ALA A 31 -8.79 5.19 -17.95
N LEU A 32 -9.71 6.08 -17.56
CA LEU A 32 -9.36 7.31 -16.91
C LEU A 32 -9.97 7.26 -15.54
N LYS A 33 -9.13 7.09 -14.51
CA LYS A 33 -9.60 7.13 -13.13
C LYS A 33 -9.38 8.53 -12.60
N GLU A 34 -10.48 9.27 -12.50
CA GLU A 34 -10.47 10.68 -12.16
C GLU A 34 -10.82 10.83 -10.68
N ILE A 35 -9.87 11.38 -9.92
CA ILE A 35 -9.99 11.52 -8.48
C ILE A 35 -10.21 12.99 -8.21
N ARG A 36 -11.35 13.29 -7.58
CA ARG A 36 -11.72 14.67 -7.22
C ARG A 36 -10.78 15.20 -6.13
N LEU A 37 -10.13 16.32 -6.39
CA LEU A 37 -9.34 17.03 -5.37
C LEU A 37 -10.24 18.07 -4.68
N GLU A 38 -11.10 17.59 -3.77
CA GLU A 38 -12.11 18.44 -3.12
C GLU A 38 -11.46 19.35 -2.08
N HIS A 39 -10.73 18.74 -1.16
CA HIS A 39 -9.95 19.47 -0.17
C HIS A 39 -8.63 19.96 -0.76
N GLU A 40 -8.02 20.93 -0.06
CA GLU A 40 -6.74 21.50 -0.45
C GLU A 40 -5.64 20.51 -0.07
N GLU A 41 -5.48 19.47 -0.91
CA GLU A 41 -4.56 18.34 -0.65
C GLU A 41 -3.30 18.30 -1.53
N GLY A 42 -3.39 18.87 -2.74
CA GLY A 42 -2.35 18.74 -3.78
C GLY A 42 -2.65 17.53 -4.66
N ALA A 43 -2.20 16.36 -4.21
CA ALA A 43 -2.74 15.06 -4.61
C ALA A 43 -3.04 14.31 -3.31
N PRO A 44 -4.08 13.47 -3.28
CA PRO A 44 -4.33 12.73 -2.04
C PRO A 44 -3.31 11.60 -1.89
N CYS A 45 -3.05 11.19 -0.66
CA CYS A 45 -2.01 10.19 -0.34
C CYS A 45 -2.23 8.84 -1.05
N THR A 46 -3.48 8.38 -1.06
CA THR A 46 -3.87 7.14 -1.75
C THR A 46 -3.40 7.10 -3.21
N ALA A 47 -3.67 8.20 -3.94
CA ALA A 47 -3.29 8.32 -5.34
C ALA A 47 -1.81 8.31 -5.54
N ILE A 48 -1.11 9.00 -4.64
CA ILE A 48 0.35 9.03 -4.70
C ILE A 48 0.89 7.62 -4.52
N ARG A 49 0.32 6.86 -3.58
CA ARG A 49 0.79 5.49 -3.35
C ARG A 49 0.42 4.57 -4.52
N GLU A 50 -0.84 4.63 -4.97
CA GLU A 50 -1.22 3.89 -6.18
C GLU A 50 -0.24 4.16 -7.35
N VAL A 51 0.08 5.42 -7.58
CA VAL A 51 0.97 5.78 -8.69
C VAL A 51 2.38 5.27 -8.43
N SER A 52 2.91 5.44 -7.23
CA SER A 52 4.27 4.97 -6.93
C SER A 52 4.35 3.45 -7.05
N LEU A 53 3.29 2.75 -6.64
CA LEU A 53 3.23 1.30 -6.78
C LEU A 53 3.22 0.86 -8.25
N LEU A 54 2.24 1.33 -9.01
CA LEU A 54 2.14 0.93 -10.41
C LEU A 54 3.33 1.34 -11.30
N LYS A 55 4.05 2.39 -10.91
CA LYS A 55 5.31 2.76 -11.58
C LYS A 55 6.45 1.79 -11.28
N ASP A 56 6.48 1.23 -10.06
CA ASP A 56 7.53 0.27 -9.68
C ASP A 56 7.28 -1.15 -10.20
N LEU A 57 6.03 -1.49 -10.48
CA LEU A 57 5.68 -2.80 -11.00
C LEU A 57 5.64 -2.75 -12.52
N LYS A 58 6.46 -3.59 -13.14
CA LYS A 58 6.56 -3.68 -14.58
C LYS A 58 6.36 -5.15 -14.88
N HIS A 59 5.15 -5.51 -15.32
CA HIS A 59 4.84 -6.88 -15.68
C HIS A 59 3.71 -6.95 -16.71
N ALA A 60 3.89 -7.81 -17.71
CA ALA A 60 2.93 -7.99 -18.82
C ALA A 60 1.47 -8.29 -18.36
N ASN A 61 1.36 -9.02 -17.25
CA ASN A 61 0.10 -9.38 -16.60
C ASN A 61 -0.34 -8.55 -15.39
N ILE A 62 0.12 -7.29 -15.35
CA ILE A 62 -0.45 -6.30 -14.42
C ILE A 62 -0.85 -5.10 -15.27
N VAL A 63 -2.04 -4.55 -15.00
CA VAL A 63 -2.48 -3.33 -15.69
C VAL A 63 -1.39 -2.27 -15.74
N THR A 64 -1.38 -1.54 -16.85
CA THR A 64 -0.29 -0.64 -17.21
C THR A 64 -0.79 0.78 -17.04
N LEU A 65 -0.18 1.51 -16.10
CA LEU A 65 -0.37 2.95 -15.96
C LEU A 65 0.37 3.64 -17.08
N HIS A 66 -0.38 4.36 -17.91
CA HIS A 66 0.16 5.02 -19.08
C HIS A 66 0.52 6.49 -18.84
N ASP A 67 -0.26 7.17 -18.00
CA ASP A 67 -0.13 8.61 -17.89
C ASP A 67 -0.87 9.08 -16.65
N ILE A 68 -0.46 10.26 -16.20
CA ILE A 68 -1.14 10.97 -15.10
C ILE A 68 -1.43 12.43 -15.54
N ILE A 69 -2.61 12.92 -15.18
CA ILE A 69 -3.06 14.28 -15.52
C ILE A 69 -3.50 15.00 -14.25
N HIS A 70 -2.89 16.15 -14.01
CA HIS A 70 -3.16 16.98 -12.87
C HIS A 70 -3.75 18.28 -13.36
N THR A 71 -4.91 18.63 -12.83
CA THR A 71 -5.45 19.98 -12.97
C THR A 71 -5.63 20.50 -11.56
N GLU A 72 -6.12 21.73 -11.41
CA GLU A 72 -6.36 22.33 -10.09
C GLU A 72 -7.40 21.57 -9.26
N LYS A 73 -8.41 21.00 -9.94
CA LYS A 73 -9.56 20.32 -9.30
C LYS A 73 -9.54 18.76 -9.36
N SER A 74 -8.66 18.15 -10.17
CA SER A 74 -8.61 16.68 -10.27
C SER A 74 -7.25 16.10 -10.65
N LEU A 75 -7.06 14.84 -10.25
CA LEU A 75 -5.94 14.01 -10.65
C LEU A 75 -6.54 12.81 -11.36
N THR A 76 -6.07 12.55 -12.58
CA THR A 76 -6.57 11.44 -13.39
C THR A 76 -5.44 10.48 -13.64
N LEU A 77 -5.63 9.23 -13.21
CA LEU A 77 -4.72 8.13 -13.58
C LEU A 77 -5.20 7.50 -14.89
N VAL A 78 -4.31 7.40 -15.88
CA VAL A 78 -4.64 6.93 -17.21
C VAL A 78 -4.02 5.54 -17.41
N PHE A 79 -4.88 4.54 -17.49
CA PHE A 79 -4.46 3.17 -17.71
C PHE A 79 -4.78 2.77 -19.15
N GLU A 80 -4.00 1.85 -19.72
CA GLU A 80 -4.38 1.27 -21.03
C GLU A 80 -5.64 0.43 -20.82
N TYR A 81 -6.54 0.51 -21.77
CA TYR A 81 -7.82 -0.18 -21.69
C TYR A 81 -7.67 -1.66 -22.06
N LEU A 82 -8.46 -2.50 -21.41
CA LEU A 82 -8.66 -3.90 -21.86
C LEU A 82 -10.15 -4.09 -22.02
N ASP A 83 -10.51 -4.92 -22.96
CA ASP A 83 -11.87 -5.00 -23.48
C ASP A 83 -12.93 -5.52 -22.51
N LYS A 84 -12.55 -6.48 -21.66
CA LYS A 84 -13.50 -7.11 -20.72
C LYS A 84 -12.84 -7.45 -19.39
N ASP A 85 -13.66 -7.65 -18.35
CA ASP A 85 -13.18 -8.35 -17.17
C ASP A 85 -13.60 -9.81 -17.30
N LEU A 86 -13.13 -10.64 -16.38
CA LEU A 86 -13.38 -12.07 -16.48
C LEU A 86 -14.86 -12.41 -16.44
N LYS A 87 -15.61 -11.75 -15.55
CA LYS A 87 -17.07 -11.98 -15.43
C LYS A 87 -17.81 -11.65 -16.71
N GLN A 88 -17.56 -10.46 -17.28
CA GLN A 88 -18.03 -10.11 -18.64
C GLN A 88 -17.62 -11.18 -19.68
N TYR A 89 -16.38 -11.66 -19.60
CA TYR A 89 -15.88 -12.64 -20.55
C TYR A 89 -16.71 -13.92 -20.43
N LEU A 90 -16.77 -14.46 -19.21
CA LEU A 90 -17.67 -15.58 -18.89
C LEU A 90 -19.06 -15.35 -19.47
N ASP A 91 -19.65 -14.21 -19.18
CA ASP A 91 -21.01 -13.91 -19.62
C ASP A 91 -21.17 -13.88 -21.14
N ASP A 92 -20.16 -13.37 -21.85
CA ASP A 92 -20.18 -13.40 -23.32
C ASP A 92 -20.09 -14.80 -23.93
N CYS A 93 -19.61 -15.78 -23.17
CA CYS A 93 -19.57 -17.19 -23.59
C CYS A 93 -20.65 -18.07 -22.94
N GLY A 94 -21.74 -17.46 -22.46
CA GLY A 94 -22.73 -18.20 -21.68
C GLY A 94 -22.12 -19.05 -20.57
N ASN A 95 -21.10 -18.50 -19.91
CA ASN A 95 -20.40 -19.15 -18.79
C ASN A 95 -19.65 -20.45 -19.14
N ILE A 96 -19.34 -20.65 -20.42
CA ILE A 96 -18.56 -21.81 -20.87
C ILE A 96 -17.38 -21.28 -21.70
N ILE A 97 -16.25 -21.06 -21.03
CA ILE A 97 -15.02 -20.61 -21.70
C ILE A 97 -14.27 -21.85 -22.16
N ASN A 98 -13.75 -21.79 -23.38
CA ASN A 98 -12.75 -22.72 -23.86
C ASN A 98 -11.73 -23.12 -22.78
N MET A 99 -11.60 -24.41 -22.49
CA MET A 99 -10.68 -24.86 -21.41
C MET A 99 -9.19 -24.59 -21.68
N HIS A 100 -8.81 -24.54 -22.96
CA HIS A 100 -7.45 -24.14 -23.35
C HIS A 100 -7.22 -22.69 -22.91
N ASN A 101 -8.16 -21.82 -23.26
CA ASN A 101 -8.17 -20.43 -22.80
C ASN A 101 -8.18 -20.28 -21.27
N VAL A 102 -8.88 -21.18 -20.56
CA VAL A 102 -8.89 -21.19 -19.09
C VAL A 102 -7.47 -21.41 -18.58
N LYS A 103 -6.78 -22.32 -19.24
CA LYS A 103 -5.40 -22.63 -18.91
C LYS A 103 -4.49 -21.40 -19.07
N LEU A 104 -4.65 -20.70 -20.20
CA LEU A 104 -3.91 -19.49 -20.49
C LEU A 104 -4.23 -18.38 -19.49
N PHE A 105 -5.50 -18.23 -19.11
CA PHE A 105 -5.89 -17.18 -18.18
C PHE A 105 -5.31 -17.47 -16.82
N LEU A 106 -5.48 -18.71 -16.36
CA LEU A 106 -4.94 -19.08 -15.07
C LEU A 106 -3.43 -18.88 -15.03
N PHE A 107 -2.74 -19.32 -16.08
CA PHE A 107 -1.30 -19.15 -16.14
C PHE A 107 -0.85 -17.70 -16.01
N GLN A 108 -1.51 -16.83 -16.78
CA GLN A 108 -1.22 -15.40 -16.72
C GLN A 108 -1.52 -14.77 -15.34
N LEU A 109 -2.65 -15.16 -14.73
CA LEU A 109 -2.96 -14.77 -13.34
C LEU A 109 -1.83 -15.15 -12.40
N LEU A 110 -1.38 -16.41 -12.51
CA LEU A 110 -0.26 -16.92 -11.71
C LEU A 110 1.07 -16.18 -11.98
N ARG A 111 1.29 -15.78 -13.24
CA ARG A 111 2.47 -15.03 -13.60
C ARG A 111 2.51 -13.63 -12.95
N GLY A 112 1.38 -12.92 -13.04
CA GLY A 112 1.22 -11.63 -12.38
C GLY A 112 1.33 -11.71 -10.87
N LEU A 113 0.67 -12.68 -10.26
CA LEU A 113 0.76 -12.88 -8.80
C LEU A 113 2.18 -13.23 -8.32
N ALA A 114 2.89 -14.04 -9.09
CA ALA A 114 4.24 -14.46 -8.72
C ALA A 114 5.18 -13.26 -8.67
N TYR A 115 5.05 -12.38 -9.66
CA TYR A 115 5.76 -11.13 -9.67
C TYR A 115 5.39 -10.28 -8.46
N CYS A 116 4.09 -10.06 -8.25
CA CYS A 116 3.64 -9.28 -7.11
C CYS A 116 4.24 -9.83 -5.82
N HIS A 117 4.11 -11.14 -5.63
CA HIS A 117 4.59 -11.78 -4.40
C HIS A 117 6.11 -11.66 -4.25
N ARG A 118 6.87 -11.74 -5.34
CA ARG A 118 8.32 -11.43 -5.31
C ARG A 118 8.63 -9.98 -4.91
N GLN A 119 7.76 -9.03 -5.29
CA GLN A 119 7.90 -7.63 -4.88
C GLN A 119 7.23 -7.36 -3.52
N LYS A 120 6.93 -8.41 -2.75
CA LYS A 120 6.25 -8.32 -1.45
C LYS A 120 4.88 -7.64 -1.52
N VAL A 121 4.17 -7.80 -2.64
CA VAL A 121 2.82 -7.27 -2.78
C VAL A 121 1.80 -8.40 -2.69
N LEU A 122 1.08 -8.42 -1.59
CA LEU A 122 -0.13 -9.20 -1.43
C LEU A 122 -1.28 -8.46 -2.14
N HIS A 123 -2.00 -9.12 -3.05
CA HIS A 123 -3.16 -8.50 -3.71
C HIS A 123 -4.31 -8.33 -2.72
N ARG A 124 -4.72 -9.44 -2.11
CA ARG A 124 -5.65 -9.48 -0.95
C ARG A 124 -7.15 -9.31 -1.29
N ASP A 125 -7.45 -9.01 -2.55
CA ASP A 125 -8.82 -8.80 -3.02
C ASP A 125 -9.02 -9.27 -4.47
N LEU A 126 -8.56 -10.48 -4.72
CA LEU A 126 -8.77 -11.18 -5.98
C LEU A 126 -10.23 -11.53 -6.17
N LYS A 127 -10.68 -11.36 -7.40
CA LYS A 127 -12.04 -11.61 -7.79
C LYS A 127 -12.12 -11.36 -9.29
N PRO A 128 -13.11 -11.95 -9.97
CA PRO A 128 -13.21 -11.81 -11.43
C PRO A 128 -13.17 -10.37 -11.95
N GLN A 129 -13.78 -9.46 -11.21
CA GLN A 129 -13.83 -8.05 -11.61
C GLN A 129 -12.42 -7.45 -11.73
N ASN A 130 -11.45 -7.98 -10.97
CA ASN A 130 -10.08 -7.49 -11.00
C ASN A 130 -9.16 -8.15 -12.05
N LEU A 131 -9.72 -9.04 -12.86
CA LEU A 131 -8.97 -9.67 -13.91
C LEU A 131 -9.49 -9.16 -15.23
N LEU A 132 -8.64 -8.39 -15.90
CA LEU A 132 -8.99 -7.76 -17.15
C LEU A 132 -8.35 -8.58 -18.27
N ILE A 133 -9.07 -8.72 -19.38
CA ILE A 133 -8.70 -9.57 -20.48
C ILE A 133 -8.97 -8.82 -21.80
N ASN A 134 -7.98 -8.76 -22.69
CA ASN A 134 -8.15 -8.03 -23.94
C ASN A 134 -8.45 -8.96 -25.10
N GLU A 135 -8.79 -8.36 -26.22
CA GLU A 135 -9.03 -9.06 -27.50
C GLU A 135 -8.01 -10.17 -27.76
N ARG A 136 -6.74 -9.84 -27.56
CA ARG A 136 -5.63 -10.77 -27.78
C ARG A 136 -5.65 -11.98 -26.80
N GLY A 137 -6.34 -11.84 -25.69
CA GLY A 137 -6.42 -12.88 -24.68
C GLY A 137 -5.47 -12.64 -23.51
N GLU A 138 -4.87 -11.46 -23.47
CA GLU A 138 -3.93 -11.12 -22.40
C GLU A 138 -4.72 -10.78 -21.16
N LEU A 139 -4.30 -11.33 -20.03
CA LEU A 139 -4.97 -11.15 -18.76
C LEU A 139 -4.07 -10.33 -17.84
N LYS A 140 -4.63 -9.26 -17.27
CA LYS A 140 -3.88 -8.38 -16.39
C LYS A 140 -4.59 -8.17 -15.08
N LEU A 141 -3.84 -8.29 -13.98
CA LEU A 141 -4.34 -8.03 -12.62
C LEU A 141 -4.61 -6.53 -12.41
N ALA A 142 -5.80 -6.22 -11.88
CA ALA A 142 -6.12 -4.90 -11.35
C ALA A 142 -6.53 -5.00 -9.88
N ASP A 143 -6.62 -3.82 -9.28
CA ASP A 143 -7.28 -3.63 -8.01
C ASP A 143 -8.10 -2.35 -8.17
N PHE A 144 -9.39 -2.51 -8.44
CA PHE A 144 -10.32 -1.38 -8.60
C PHE A 144 -10.62 -0.69 -7.28
N GLY A 145 -10.36 -1.38 -6.17
CA GLY A 145 -10.43 -0.79 -4.85
C GLY A 145 -11.87 -0.78 -4.43
N LEU A 146 -12.40 0.41 -4.16
CA LEU A 146 -13.83 0.63 -4.30
C LEU A 146 -14.04 0.56 -5.83
N ALA A 147 -14.44 1.65 -6.49
CA ALA A 147 -15.04 1.54 -7.80
C ALA A 147 -15.98 0.29 -7.92
N ARG A 148 -17.21 0.48 -7.44
CA ARG A 148 -18.34 -0.35 -7.84
C ARG A 148 -18.46 -0.22 -9.37
N ALA A 149 -18.43 -1.34 -10.09
CA ALA A 149 -18.56 -1.31 -11.57
C ALA A 149 -19.90 -0.73 -12.05
N LYS A 150 -19.92 -0.16 -13.25
CA LYS A 150 -21.11 0.48 -13.83
C LYS A 150 -22.23 -0.50 -14.12
N THR A 156 -26.81 -8.15 -15.24
CA THR A 156 -27.45 -9.12 -14.34
C THR A 156 -26.53 -9.57 -13.17
N TYR A 157 -25.23 -9.69 -13.46
CA TYR A 157 -24.19 -9.93 -12.43
C TYR A 157 -23.65 -8.59 -11.89
N ASP A 158 -24.09 -7.48 -12.48
CA ASP A 158 -23.79 -6.16 -11.94
C ASP A 158 -24.17 -6.05 -10.46
N ASN A 159 -23.29 -5.45 -9.67
CA ASN A 159 -23.55 -5.11 -8.26
C ASN A 159 -23.74 -6.30 -7.31
N GLU A 160 -23.21 -7.47 -7.66
CA GLU A 160 -23.27 -8.61 -6.74
C GLU A 160 -22.31 -8.36 -5.60
N VAL A 161 -22.65 -8.83 -4.41
CA VAL A 161 -21.84 -8.57 -3.23
C VAL A 161 -21.03 -9.83 -3.13
N VAL A 162 -19.72 -9.68 -3.37
CA VAL A 162 -18.79 -10.80 -3.50
C VAL A 162 -17.67 -10.74 -2.47
N THR A 163 -17.84 -9.87 -1.49
CA THR A 163 -16.85 -9.51 -0.47
C THR A 163 -16.02 -10.65 0.11
N LEU A 164 -16.69 -11.74 0.45
CA LEU A 164 -16.07 -12.86 1.17
C LEU A 164 -15.74 -14.05 0.27
N TRP A 165 -16.34 -14.09 -0.92
CA TRP A 165 -16.32 -15.29 -1.81
C TRP A 165 -14.92 -15.87 -2.04
N TYR A 166 -13.93 -15.00 -2.03
CA TYR A 166 -12.56 -15.33 -2.38
C TYR A 166 -11.66 -15.31 -1.14
N ARG A 167 -12.28 -15.26 0.04
CA ARG A 167 -11.55 -15.13 1.30
C ARG A 167 -11.23 -16.54 1.84
N PRO A 168 -9.99 -16.75 2.33
CA PRO A 168 -9.54 -18.05 2.83
C PRO A 168 -10.02 -18.41 4.25
N PRO A 169 -10.37 -19.68 4.50
CA PRO A 169 -11.01 -20.07 5.76
C PRO A 169 -10.16 -19.84 7.01
N ASP A 170 -8.84 -19.99 6.92
CA ASP A 170 -7.96 -19.73 8.08
C ASP A 170 -7.92 -18.26 8.50
N ILE A 171 -8.08 -17.34 7.54
CA ILE A 171 -8.12 -15.90 7.82
C ILE A 171 -9.45 -15.51 8.45
N LEU A 172 -10.54 -16.06 7.89
CA LEU A 172 -11.89 -15.95 8.47
C LEU A 172 -12.08 -16.55 9.88
N LEU A 173 -11.11 -17.34 10.35
CA LEU A 173 -11.08 -17.85 11.74
C LEU A 173 -9.91 -17.29 12.56
N GLY A 174 -9.47 -16.08 12.21
CA GLY A 174 -8.58 -15.32 13.06
C GLY A 174 -7.10 -15.60 12.99
N SER A 175 -6.66 -16.30 11.94
CA SER A 175 -5.24 -16.45 11.69
C SER A 175 -4.61 -15.07 11.51
N THR A 176 -3.38 -14.97 11.99
CA THR A 176 -2.59 -13.75 11.93
C THR A 176 -1.44 -13.89 10.91
N ASP A 177 -1.49 -14.91 10.06
CA ASP A 177 -0.46 -15.17 9.05
C ASP A 177 -0.92 -14.53 7.73
N TYR A 178 -0.78 -13.20 7.65
CA TYR A 178 -1.23 -12.40 6.50
C TYR A 178 -0.12 -12.41 5.44
N SER A 179 0.04 -13.56 4.78
CA SER A 179 1.11 -13.79 3.83
C SER A 179 0.53 -13.80 2.42
N THR A 180 1.43 -13.86 1.45
CA THR A 180 1.04 -13.95 0.04
C THR A 180 0.16 -15.15 -0.28
N GLN A 181 0.13 -16.14 0.61
CA GLN A 181 -0.69 -17.33 0.43
C GLN A 181 -2.20 -17.10 0.49
N ILE A 182 -2.62 -15.95 1.03
CA ILE A 182 -4.04 -15.55 1.02
C ILE A 182 -4.57 -15.52 -0.42
N ASP A 183 -3.75 -14.97 -1.32
CA ASP A 183 -4.08 -14.91 -2.74
C ASP A 183 -4.20 -16.29 -3.38
N MET A 184 -3.41 -17.26 -2.91
CA MET A 184 -3.42 -18.59 -3.52
C MET A 184 -4.76 -19.26 -3.37
N TRP A 185 -5.45 -19.01 -2.24
CA TRP A 185 -6.81 -19.50 -2.06
C TRP A 185 -7.76 -18.88 -3.09
N GLY A 186 -7.67 -17.56 -3.29
CA GLY A 186 -8.53 -16.89 -4.29
C GLY A 186 -8.31 -17.35 -5.72
N VAL A 187 -7.03 -17.59 -6.05
CA VAL A 187 -6.65 -18.22 -7.32
C VAL A 187 -7.42 -19.51 -7.53
N GLY A 188 -7.38 -20.38 -6.52
CA GLY A 188 -8.21 -21.58 -6.53
C GLY A 188 -9.66 -21.31 -6.87
N CYS A 189 -10.26 -20.34 -6.15
CA CYS A 189 -11.68 -20.01 -6.35
C CYS A 189 -11.98 -19.44 -7.74
N ILE A 190 -11.05 -18.64 -8.27
CA ILE A 190 -11.17 -18.11 -9.63
C ILE A 190 -11.07 -19.26 -10.64
N PHE A 191 -10.17 -20.21 -10.39
CA PHE A 191 -9.97 -21.36 -11.30
C PHE A 191 -11.25 -22.14 -11.51
N TYR A 192 -11.85 -22.57 -10.39
CA TYR A 192 -13.16 -23.24 -10.41
C TYR A 192 -14.23 -22.45 -11.19
N GLU A 193 -14.26 -21.14 -10.96
CA GLU A 193 -15.24 -20.27 -11.60
C GLU A 193 -15.03 -20.12 -13.11
N MET A 194 -13.79 -20.03 -13.54
CA MET A 194 -13.44 -20.13 -14.97
C MET A 194 -13.84 -21.50 -15.51
N ALA A 195 -13.50 -22.55 -14.77
CA ALA A 195 -13.76 -23.92 -15.20
C ALA A 195 -15.26 -24.30 -15.28
N THR A 196 -16.10 -23.69 -14.43
CA THR A 196 -17.56 -23.98 -14.41
C THR A 196 -18.47 -22.84 -14.85
N GLY A 197 -17.97 -21.61 -14.79
CA GLY A 197 -18.81 -20.45 -15.01
C GLY A 197 -19.61 -20.00 -13.79
N ARG A 198 -19.47 -20.67 -12.65
CA ARG A 198 -20.20 -20.27 -11.45
C ARG A 198 -19.26 -20.22 -10.24
N PRO A 199 -19.56 -19.33 -9.28
CA PRO A 199 -18.68 -19.16 -8.13
C PRO A 199 -18.65 -20.38 -7.21
N LEU A 200 -17.48 -20.63 -6.66
CA LEU A 200 -17.25 -21.82 -5.86
C LEU A 200 -17.86 -21.72 -4.47
N PHE A 201 -17.62 -20.61 -3.78
CA PHE A 201 -18.03 -20.41 -2.40
C PHE A 201 -18.70 -19.06 -2.19
N PRO A 202 -19.98 -18.92 -2.63
CA PRO A 202 -20.67 -17.62 -2.59
C PRO A 202 -21.38 -17.28 -1.26
N GLY A 203 -20.63 -17.15 -0.16
CA GLY A 203 -21.22 -16.84 1.15
C GLY A 203 -21.53 -15.37 1.45
N SER A 204 -22.64 -15.14 2.17
CA SER A 204 -23.07 -13.78 2.59
C SER A 204 -22.44 -13.29 3.90
N THR A 205 -22.02 -14.22 4.76
CA THR A 205 -21.42 -13.88 6.06
C THR A 205 -20.14 -14.69 6.31
N VAL A 206 -19.39 -14.29 7.33
CA VAL A 206 -18.19 -15.03 7.74
C VAL A 206 -18.58 -16.45 8.12
N GLU A 207 -19.67 -16.61 8.88
CA GLU A 207 -20.16 -17.94 9.24
C GLU A 207 -20.60 -18.76 8.03
N GLU A 208 -21.36 -18.16 7.11
CA GLU A 208 -21.87 -18.90 5.94
C GLU A 208 -20.76 -19.16 4.87
N GLN A 209 -19.74 -18.29 4.80
CA GLN A 209 -18.61 -18.51 3.88
C GLN A 209 -17.86 -19.76 4.32
N LEU A 210 -17.49 -19.80 5.59
CA LEU A 210 -16.88 -20.97 6.23
C LEU A 210 -17.73 -22.22 6.07
N HIS A 211 -19.05 -22.08 6.20
CA HIS A 211 -19.99 -23.18 5.99
C HIS A 211 -19.84 -23.76 4.60
N PHE A 212 -20.20 -22.98 3.56
CA PHE A 212 -20.11 -23.40 2.15
C PHE A 212 -18.80 -24.11 1.78
N ILE A 213 -17.70 -23.56 2.29
CA ILE A 213 -16.37 -24.16 2.14
C ILE A 213 -16.39 -25.57 2.70
N PHE A 214 -16.79 -25.72 3.96
CA PHE A 214 -16.78 -27.03 4.63
C PHE A 214 -17.76 -28.04 4.00
N ARG A 215 -18.82 -27.57 3.37
CA ARG A 215 -19.74 -28.44 2.61
C ARG A 215 -19.06 -29.16 1.40
N ILE A 216 -17.96 -28.61 0.88
CA ILE A 216 -17.21 -29.20 -0.26
C ILE A 216 -15.90 -29.84 0.18
N LEU A 217 -15.11 -29.12 0.96
CA LEU A 217 -13.81 -29.61 1.46
C LEU A 217 -13.94 -30.54 2.67
N GLY A 218 -15.12 -30.54 3.32
CA GLY A 218 -15.32 -31.26 4.57
C GLY A 218 -14.97 -30.45 5.81
N THR A 219 -15.63 -30.75 6.92
CA THR A 219 -15.34 -30.10 8.20
C THR A 219 -13.94 -30.48 8.65
N PRO A 220 -13.18 -29.52 9.21
CA PRO A 220 -11.83 -29.87 9.66
C PRO A 220 -11.77 -30.77 10.90
N THR A 221 -10.57 -31.29 11.17
CA THR A 221 -10.26 -32.12 12.36
C THR A 221 -8.84 -31.78 12.75
N GLU A 222 -8.32 -32.43 13.80
CA GLU A 222 -6.90 -32.28 14.18
C GLU A 222 -5.96 -32.97 13.17
N GLU A 223 -6.52 -33.85 12.35
CA GLU A 223 -5.80 -34.38 11.18
C GLU A 223 -5.67 -33.31 10.10
N THR A 224 -6.81 -32.82 9.62
CA THR A 224 -6.85 -31.87 8.48
C THR A 224 -6.52 -30.41 8.85
N TRP A 225 -6.43 -30.10 10.14
CA TRP A 225 -6.12 -28.74 10.60
C TRP A 225 -5.58 -28.81 12.05
N PRO A 226 -4.27 -29.07 12.20
CA PRO A 226 -3.65 -29.12 13.52
C PRO A 226 -4.06 -27.96 14.43
N GLY A 227 -4.54 -28.30 15.63
CA GLY A 227 -4.94 -27.30 16.63
C GLY A 227 -6.28 -26.63 16.38
N ILE A 228 -7.06 -27.11 15.41
CA ILE A 228 -8.33 -26.47 15.03
C ILE A 228 -9.37 -26.40 16.13
N LEU A 229 -9.49 -27.47 16.93
CA LEU A 229 -10.49 -27.52 17.99
C LEU A 229 -10.12 -26.64 19.20
N SER A 230 -8.83 -26.31 19.34
CA SER A 230 -8.35 -25.31 20.32
C SER A 230 -8.70 -23.84 19.98
N ASN A 231 -9.10 -23.57 18.73
CA ASN A 231 -9.58 -22.24 18.28
C ASN A 231 -10.96 -21.93 18.90
N GLU A 232 -11.02 -20.83 19.67
CA GLU A 232 -12.24 -20.39 20.35
C GLU A 232 -13.38 -20.02 19.39
N GLU A 233 -13.03 -19.37 18.28
CA GLU A 233 -14.02 -18.92 17.28
C GLU A 233 -14.59 -20.11 16.52
N PHE A 234 -13.73 -21.05 16.11
CA PHE A 234 -14.19 -22.33 15.56
C PHE A 234 -15.01 -23.13 16.58
N LYS A 235 -14.55 -23.15 17.84
CA LYS A 235 -15.30 -23.81 18.91
C LYS A 235 -16.75 -23.32 18.93
N THR A 236 -16.92 -22.00 18.88
CA THR A 236 -18.24 -21.35 18.83
C THR A 236 -18.99 -21.66 17.51
N TYR A 237 -18.36 -21.38 16.37
CA TYR A 237 -18.87 -21.81 15.06
C TYR A 237 -19.00 -23.34 15.05
N ASN A 238 -20.08 -23.87 15.61
CA ASN A 238 -20.23 -25.32 15.76
C ASN A 238 -20.91 -25.93 14.50
N TYR A 239 -20.09 -26.42 13.57
CA TYR A 239 -20.57 -27.01 12.30
C TYR A 239 -20.73 -28.53 12.41
N PRO A 240 -21.68 -29.10 11.63
CA PRO A 240 -21.76 -30.56 11.51
C PRO A 240 -20.60 -31.14 10.67
N LYS A 241 -20.13 -32.33 11.04
CA LYS A 241 -18.98 -32.99 10.38
C LYS A 241 -19.29 -33.46 8.94
N TYR A 242 -18.99 -32.60 7.96
CA TYR A 242 -19.18 -32.93 6.53
C TYR A 242 -18.10 -33.88 6.01
N ARG A 243 -18.48 -34.74 5.06
CA ARG A 243 -17.52 -35.60 4.36
C ARG A 243 -17.11 -34.92 3.04
N ALA A 244 -15.80 -34.83 2.80
CA ALA A 244 -15.27 -34.14 1.62
C ALA A 244 -15.81 -34.73 0.33
N GLU A 245 -16.45 -33.89 -0.49
CA GLU A 245 -16.79 -34.26 -1.86
C GLU A 245 -15.55 -34.04 -2.75
N ALA A 246 -15.45 -34.83 -3.82
CA ALA A 246 -14.35 -34.68 -4.78
C ALA A 246 -14.65 -33.51 -5.71
N LEU A 247 -13.64 -32.66 -5.92
CA LEU A 247 -13.79 -31.43 -6.70
C LEU A 247 -14.08 -31.72 -8.17
N LEU A 248 -13.52 -32.82 -8.66
CA LEU A 248 -13.64 -33.20 -10.07
C LEU A 248 -15.08 -33.50 -10.52
N SER A 249 -15.93 -33.98 -9.60
CA SER A 249 -17.35 -34.22 -9.90
C SER A 249 -18.11 -32.91 -10.15
N HIS A 250 -17.87 -31.93 -9.25
CA HIS A 250 -18.41 -30.56 -9.36
C HIS A 250 -17.98 -29.81 -10.63
N ALA A 251 -16.76 -30.09 -11.09
CA ALA A 251 -16.14 -29.38 -12.21
C ALA A 251 -15.55 -30.39 -13.20
N PRO A 252 -16.43 -31.09 -13.97
CA PRO A 252 -15.98 -32.12 -14.92
C PRO A 252 -15.01 -31.63 -16.01
N ARG A 253 -15.03 -30.33 -16.32
CA ARG A 253 -14.21 -29.75 -17.37
C ARG A 253 -12.73 -29.65 -16.98
N LEU A 254 -12.43 -29.79 -15.69
CA LEU A 254 -11.05 -29.94 -15.21
C LEU A 254 -10.57 -31.35 -15.49
N ASP A 255 -9.36 -31.50 -16.02
CA ASP A 255 -8.74 -32.84 -16.10
C ASP A 255 -8.29 -33.23 -14.67
N SER A 256 -7.65 -34.38 -14.53
CA SER A 256 -7.15 -34.79 -13.22
C SER A 256 -5.94 -33.94 -12.77
N ASP A 257 -5.18 -33.40 -13.72
CA ASP A 257 -4.12 -32.42 -13.37
C ASP A 257 -4.73 -31.12 -12.82
N GLY A 258 -5.72 -30.59 -13.52
CA GLY A 258 -6.47 -29.41 -13.10
C GLY A 258 -7.05 -29.54 -11.72
N ALA A 259 -7.77 -30.63 -11.47
CA ALA A 259 -8.35 -30.92 -10.16
C ALA A 259 -7.27 -31.07 -9.10
N ASP A 260 -6.17 -31.71 -9.46
CA ASP A 260 -5.03 -31.83 -8.55
C ASP A 260 -4.42 -30.47 -8.19
N LEU A 261 -4.35 -29.56 -9.16
CA LEU A 261 -3.86 -28.20 -8.91
C LEU A 261 -4.82 -27.44 -8.00
N LEU A 262 -6.11 -27.53 -8.29
CA LEU A 262 -7.16 -26.90 -7.50
C LEU A 262 -7.07 -27.30 -6.03
N THR A 263 -6.91 -28.60 -5.77
CA THR A 263 -6.80 -29.15 -4.41
C THR A 263 -5.58 -28.61 -3.69
N LYS A 264 -4.49 -28.43 -4.41
CA LYS A 264 -3.29 -27.86 -3.83
C LYS A 264 -3.43 -26.35 -3.53
N LEU A 265 -4.29 -25.67 -4.28
CA LEU A 265 -4.61 -24.26 -4.00
C LEU A 265 -5.52 -24.12 -2.81
N LEU A 266 -6.55 -24.98 -2.73
CA LEU A 266 -7.57 -24.87 -1.69
C LEU A 266 -7.26 -25.64 -0.39
N GLN A 267 -6.07 -25.39 0.18
CA GLN A 267 -5.72 -25.90 1.52
C GLN A 267 -6.22 -24.95 2.61
N PHE A 268 -6.84 -25.51 3.65
CA PHE A 268 -7.39 -24.73 4.76
C PHE A 268 -6.46 -23.65 5.25
N GLU A 269 -5.18 -23.98 5.39
CA GLU A 269 -4.14 -23.09 5.92
C GLU A 269 -3.14 -22.65 4.85
N GLY A 270 -2.79 -21.36 4.89
CA GLY A 270 -1.90 -20.76 3.90
C GLY A 270 -0.52 -21.37 3.81
N ARG A 271 0.02 -21.77 4.97
CA ARG A 271 1.32 -22.48 5.05
C ARG A 271 1.48 -23.62 4.04
N ASN A 272 0.39 -24.31 3.74
CA ASN A 272 0.39 -25.52 2.94
C ASN A 272 -0.07 -25.40 1.48
N ARG A 273 -0.55 -24.22 1.08
CA ARG A 273 -1.00 -24.00 -0.30
C ARG A 273 0.18 -23.96 -1.23
N ILE A 274 -0.01 -24.49 -2.44
CA ILE A 274 1.01 -24.34 -3.48
C ILE A 274 1.19 -22.85 -3.82
N SER A 275 2.44 -22.42 -3.97
CA SER A 275 2.78 -21.04 -4.28
C SER A 275 2.46 -20.74 -5.75
N ALA A 276 2.53 -19.47 -6.13
CA ALA A 276 2.27 -19.06 -7.50
C ALA A 276 3.34 -19.63 -8.44
N GLU A 277 4.60 -19.51 -8.03
CA GLU A 277 5.74 -20.04 -8.79
C GLU A 277 5.65 -21.57 -8.98
N ASP A 278 5.42 -22.29 -7.89
CA ASP A 278 5.27 -23.74 -7.96
C ASP A 278 4.06 -24.14 -8.80
N ALA A 279 2.96 -23.40 -8.63
CA ALA A 279 1.77 -23.67 -9.41
C ALA A 279 1.99 -23.55 -10.92
N MET A 280 2.86 -22.62 -11.33
CA MET A 280 3.19 -22.50 -12.76
C MET A 280 3.96 -23.71 -13.31
N LYS A 281 4.70 -24.39 -12.45
CA LYS A 281 5.41 -25.63 -12.80
C LYS A 281 4.54 -26.89 -12.71
N HIS A 282 3.30 -26.77 -12.25
CA HIS A 282 2.40 -27.91 -12.14
C HIS A 282 2.05 -28.51 -13.53
N PRO A 283 1.95 -29.87 -13.64
CA PRO A 283 1.74 -30.57 -14.92
C PRO A 283 0.54 -30.13 -15.72
N PHE A 284 -0.50 -29.65 -15.03
CA PHE A 284 -1.60 -28.95 -15.67
C PHE A 284 -1.18 -28.04 -16.82
N PHE A 285 -0.04 -27.35 -16.68
CA PHE A 285 0.47 -26.41 -17.71
C PHE A 285 1.56 -26.99 -18.62
N LEU A 286 1.74 -28.30 -18.60
CA LEU A 286 2.82 -28.93 -19.37
C LEU A 286 2.55 -28.76 -20.87
N SER A 287 1.27 -28.81 -21.25
CA SER A 287 0.84 -28.52 -22.64
C SER A 287 1.29 -27.17 -23.22
N LEU A 288 1.63 -26.20 -22.36
CA LEU A 288 2.05 -24.86 -22.83
C LEU A 288 3.57 -24.79 -23.10
N GLY A 289 4.33 -25.83 -22.78
CA GLY A 289 5.71 -25.96 -23.22
C GLY A 289 6.71 -25.38 -22.26
N GLU A 290 7.99 -25.48 -22.64
CA GLU A 290 9.12 -25.04 -21.82
C GLU A 290 9.43 -23.55 -21.94
N ARG A 291 9.11 -22.95 -23.09
CA ARG A 291 9.53 -21.57 -23.40
C ARG A 291 8.85 -20.52 -22.51
N ILE A 292 7.55 -20.70 -22.27
CA ILE A 292 6.74 -19.79 -21.45
C ILE A 292 7.32 -19.51 -20.05
N HIS A 293 8.00 -20.50 -19.47
CA HIS A 293 8.63 -20.34 -18.15
C HIS A 293 9.88 -19.47 -18.13
N LYS A 294 10.44 -19.15 -19.29
CA LYS A 294 11.66 -18.35 -19.33
C LYS A 294 11.41 -16.97 -19.94
N LEU A 295 10.14 -16.61 -20.13
CA LEU A 295 9.79 -15.31 -20.74
C LEU A 295 10.20 -14.19 -19.79
N PRO A 296 10.64 -13.03 -20.34
CA PRO A 296 10.81 -11.85 -19.50
C PRO A 296 9.48 -11.44 -18.84
N ASP A 297 9.56 -10.92 -17.62
CA ASP A 297 8.41 -10.31 -16.95
C ASP A 297 7.53 -9.44 -17.84
N THR A 298 8.16 -8.69 -18.73
CA THR A 298 7.48 -7.67 -19.52
C THR A 298 6.96 -8.17 -20.86
N THR A 299 7.13 -9.45 -21.14
CA THR A 299 6.73 -10.01 -22.43
C THR A 299 5.38 -10.72 -22.30
N SER A 300 4.50 -10.48 -23.26
CA SER A 300 3.26 -11.22 -23.37
C SER A 300 3.55 -12.72 -23.61
N ILE A 301 2.75 -13.60 -22.99
CA ILE A 301 2.84 -15.02 -23.29
C ILE A 301 2.45 -15.30 -24.74
N PHE A 302 1.71 -14.39 -25.36
CA PHE A 302 1.32 -14.50 -26.76
C PHE A 302 2.44 -14.20 -27.76
N ALA A 303 3.57 -13.69 -27.28
CA ALA A 303 4.75 -13.58 -28.11
C ALA A 303 5.23 -14.94 -28.62
N LEU A 304 4.87 -16.04 -27.95
CA LEU A 304 5.36 -17.36 -28.30
C LEU A 304 4.77 -18.07 -29.53
N LYS A 305 3.65 -17.62 -30.09
CA LYS A 305 3.11 -18.22 -31.36
C LYS A 305 2.54 -19.65 -31.22
N GLU A 306 3.23 -20.53 -30.51
CA GLU A 306 2.61 -21.73 -29.92
C GLU A 306 1.62 -21.42 -28.76
N ILE A 307 1.48 -20.15 -28.40
CA ILE A 307 0.48 -19.70 -27.45
C ILE A 307 -0.49 -18.90 -28.31
N GLN A 308 -1.72 -19.41 -28.45
CA GLN A 308 -2.78 -18.71 -29.16
C GLN A 308 -4.10 -18.90 -28.44
N LEU A 309 -4.92 -17.86 -28.51
CA LEU A 309 -6.25 -17.88 -27.98
C LEU A 309 -7.13 -18.71 -28.90
N GLN A 310 -7.90 -19.64 -28.35
CA GLN A 310 -8.88 -20.40 -29.13
C GLN A 310 -10.16 -19.61 -29.33
N LYS A 311 -10.74 -19.73 -30.52
CA LYS A 311 -12.04 -19.12 -30.78
C LYS A 311 -13.02 -19.57 -29.73
N GLU A 312 -13.85 -18.63 -29.32
CA GLU A 312 -14.84 -18.85 -28.30
C GLU A 312 -16.18 -19.08 -29.02
N ALA A 313 -17.07 -19.87 -28.41
CA ALA A 313 -18.37 -20.18 -29.04
C ALA A 313 -19.27 -18.94 -29.14
N MET B 1 -5.12 -17.19 26.95
CA MET B 1 -6.23 -16.74 27.87
C MET B 1 -6.66 -15.31 27.54
N GLU B 2 -5.70 -14.39 27.61
CA GLU B 2 -5.91 -12.98 27.34
C GLU B 2 -4.60 -12.28 27.52
N THR B 3 -4.07 -11.69 26.45
CA THR B 3 -2.67 -11.33 26.42
C THR B 3 -2.36 -9.85 26.63
N TYR B 4 -3.32 -8.96 26.39
CA TYR B 4 -3.10 -7.52 26.54
C TYR B 4 -4.14 -6.87 27.46
N ILE B 5 -3.72 -5.86 28.22
CA ILE B 5 -4.62 -5.03 29.06
C ILE B 5 -4.71 -3.63 28.48
N LYS B 6 -5.91 -3.05 28.47
CA LYS B 6 -6.10 -1.65 28.11
C LYS B 6 -5.85 -0.82 29.34
N LEU B 7 -5.10 0.27 29.19
CA LEU B 7 -4.76 1.17 30.30
C LEU B 7 -5.43 2.53 30.16
N ASP B 8 -5.42 3.10 28.96
CA ASP B 8 -6.20 4.29 28.68
C ASP B 8 -6.30 4.56 27.18
N LYS B 9 -7.26 5.40 26.82
CA LYS B 9 -7.58 5.66 25.43
C LYS B 9 -6.68 6.78 24.98
N LEU B 10 -5.99 6.57 23.84
CA LEU B 10 -5.16 7.61 23.25
C LEU B 10 -5.94 8.47 22.27
N GLY B 11 -6.93 7.88 21.60
CA GLY B 11 -7.72 8.63 20.63
C GLY B 11 -8.46 7.78 19.65
N GLU B 12 -9.07 8.45 18.68
CA GLU B 12 -9.99 7.83 17.75
C GLU B 12 -9.55 8.16 16.34
N GLY B 13 -9.41 7.13 15.52
CA GLY B 13 -9.31 7.28 14.08
C GLY B 13 -10.67 7.12 13.44
N THR B 14 -10.66 6.98 12.12
CA THR B 14 -11.90 6.87 11.37
C THR B 14 -12.57 5.52 11.60
N TYR B 15 -11.78 4.46 11.58
CA TYR B 15 -12.30 3.10 11.69
C TYR B 15 -11.86 2.38 12.95
N ALA B 16 -11.17 3.06 13.86
CA ALA B 16 -10.57 2.37 15.01
C ALA B 16 -10.27 3.30 16.18
N THR B 17 -10.23 2.71 17.37
CA THR B 17 -9.78 3.39 18.58
C THR B 17 -8.38 2.89 18.93
N VAL B 18 -7.51 3.80 19.35
CA VAL B 18 -6.16 3.45 19.74
C VAL B 18 -6.05 3.59 21.26
N TYR B 19 -5.65 2.50 21.92
CA TYR B 19 -5.48 2.47 23.38
C TYR B 19 -4.02 2.25 23.71
N LYS B 20 -3.57 2.88 24.80
CA LYS B 20 -2.31 2.53 25.41
C LYS B 20 -2.62 1.31 26.25
N GLY B 21 -1.82 0.26 26.08
CA GLY B 21 -2.01 -0.98 26.80
C GLY B 21 -0.72 -1.59 27.30
N LYS B 22 -0.81 -2.82 27.79
CA LYS B 22 0.33 -3.54 28.29
C LYS B 22 0.26 -5.01 27.94
N SER B 23 1.38 -5.55 27.49
CA SER B 23 1.46 -6.96 27.13
C SER B 23 1.70 -7.79 28.42
N LYS B 24 0.89 -8.83 28.60
CA LYS B 24 1.06 -9.76 29.71
C LYS B 24 2.27 -10.71 29.50
N LEU B 25 2.75 -10.79 28.26
CA LEU B 25 3.86 -11.66 27.89
C LEU B 25 5.23 -11.02 28.06
N THR B 26 5.34 -9.73 27.73
CA THR B 26 6.59 -8.99 27.83
C THR B 26 6.65 -7.93 28.93
N ASP B 27 5.50 -7.54 29.46
CA ASP B 27 5.36 -6.39 30.37
C ASP B 27 5.65 -5.04 29.72
N ASN B 28 5.79 -5.01 28.40
CA ASN B 28 6.03 -3.78 27.67
C ASN B 28 4.72 -3.07 27.44
N LEU B 29 4.78 -1.74 27.41
CA LEU B 29 3.65 -0.94 26.97
C LEU B 29 3.46 -1.13 25.47
N VAL B 30 2.21 -1.15 25.04
CA VAL B 30 1.87 -1.27 23.62
C VAL B 30 0.78 -0.27 23.25
N ALA B 31 0.58 -0.09 21.95
CA ALA B 31 -0.50 0.68 21.41
C ALA B 31 -1.42 -0.27 20.67
N LEU B 32 -2.67 -0.37 21.15
CA LEU B 32 -3.66 -1.28 20.60
C LEU B 32 -4.62 -0.54 19.69
N LYS B 33 -4.49 -0.76 18.38
CA LYS B 33 -5.40 -0.18 17.40
C LYS B 33 -6.56 -1.15 17.15
N GLU B 34 -7.67 -0.94 17.85
CA GLU B 34 -8.83 -1.83 17.78
C GLU B 34 -9.81 -1.42 16.68
N ILE B 35 -9.94 -2.25 15.64
CA ILE B 35 -10.90 -2.01 14.56
C ILE B 35 -12.17 -2.79 14.88
N ARG B 36 -13.28 -2.07 15.06
CA ARG B 36 -14.58 -2.71 15.32
C ARG B 36 -15.04 -3.32 14.00
N LEU B 37 -15.30 -4.64 14.04
CA LEU B 37 -15.87 -5.40 12.93
C LEU B 37 -17.29 -5.82 13.27
N GLU B 38 -18.18 -5.77 12.30
CA GLU B 38 -19.47 -6.45 12.43
C GLU B 38 -19.23 -7.98 12.38
N HIS B 39 -20.00 -8.72 13.17
CA HIS B 39 -19.87 -10.20 13.25
C HIS B 39 -19.84 -10.89 11.88
N GLU B 40 -20.56 -10.31 10.90
CA GLU B 40 -20.69 -10.87 9.54
C GLU B 40 -19.60 -10.46 8.56
N GLU B 41 -18.64 -9.63 8.99
CA GLU B 41 -17.61 -9.15 8.07
C GLU B 41 -16.24 -9.64 8.54
N GLY B 42 -15.30 -9.69 7.59
CA GLY B 42 -13.93 -10.06 7.90
C GLY B 42 -13.11 -8.82 8.19
N ALA B 43 -11.80 -9.01 8.26
CA ALA B 43 -10.88 -7.88 8.31
C ALA B 43 -11.08 -7.02 7.05
N PRO B 44 -11.09 -5.68 7.17
CA PRO B 44 -11.12 -4.86 5.97
C PRO B 44 -9.82 -4.99 5.17
N CYS B 45 -9.91 -4.71 3.86
CA CYS B 45 -8.75 -4.82 2.96
C CYS B 45 -7.63 -3.83 3.32
N THR B 46 -8.00 -2.69 3.89
CA THR B 46 -7.02 -1.71 4.36
C THR B 46 -6.18 -2.25 5.54
N ALA B 47 -6.81 -3.00 6.45
CA ALA B 47 -6.10 -3.56 7.60
C ALA B 47 -5.17 -4.69 7.18
N ILE B 48 -5.62 -5.54 6.25
CA ILE B 48 -4.78 -6.60 5.68
C ILE B 48 -3.53 -5.95 5.08
N ARG B 49 -3.77 -4.88 4.32
CA ARG B 49 -2.71 -4.11 3.64
C ARG B 49 -1.74 -3.47 4.66
N GLU B 50 -2.26 -2.80 5.71
CA GLU B 50 -1.36 -2.27 6.76
C GLU B 50 -0.54 -3.38 7.45
N VAL B 51 -1.17 -4.51 7.78
CA VAL B 51 -0.47 -5.60 8.43
C VAL B 51 0.58 -6.20 7.50
N SER B 52 0.25 -6.38 6.22
CA SER B 52 1.18 -7.03 5.27
C SER B 52 2.35 -6.13 4.92
N LEU B 53 2.12 -4.82 4.82
CA LEU B 53 3.19 -3.87 4.60
C LEU B 53 4.14 -3.86 5.80
N LEU B 54 3.62 -3.66 6.99
CA LEU B 54 4.46 -3.57 8.17
C LEU B 54 5.15 -4.88 8.59
N LYS B 55 4.61 -6.04 8.22
CA LYS B 55 5.27 -7.31 8.56
C LYS B 55 6.57 -7.47 7.78
N ASP B 56 6.61 -6.97 6.55
CA ASP B 56 7.83 -7.04 5.73
C ASP B 56 8.90 -6.00 6.14
N LEU B 57 8.49 -4.89 6.77
CA LEU B 57 9.44 -3.86 7.18
C LEU B 57 10.06 -4.16 8.55
N LYS B 58 11.38 -4.28 8.59
CA LYS B 58 12.14 -4.50 9.82
C LYS B 58 13.14 -3.37 9.99
N HIS B 59 12.83 -2.41 10.86
CA HIS B 59 13.77 -1.32 11.15
C HIS B 59 13.52 -0.63 12.49
N ALA B 60 14.62 -0.29 13.17
CA ALA B 60 14.57 0.35 14.50
C ALA B 60 13.92 1.74 14.53
N ASN B 61 13.76 2.39 13.39
CA ASN B 61 13.23 3.75 13.30
C ASN B 61 11.91 3.78 12.54
N ILE B 62 11.27 2.62 12.50
CA ILE B 62 9.90 2.49 12.05
C ILE B 62 9.15 1.81 13.19
N VAL B 63 7.96 2.33 13.46
CA VAL B 63 7.13 1.79 14.54
C VAL B 63 6.87 0.30 14.25
N THR B 64 7.12 -0.53 15.26
CA THR B 64 7.04 -1.97 15.13
C THR B 64 5.61 -2.46 15.33
N LEU B 65 5.11 -3.27 14.38
CA LEU B 65 3.89 -4.06 14.59
C LEU B 65 4.27 -5.38 15.28
N HIS B 66 3.87 -5.53 16.54
CA HIS B 66 4.26 -6.70 17.34
C HIS B 66 3.37 -7.90 17.14
N ASP B 67 2.07 -7.68 16.97
CA ASP B 67 1.11 -8.76 17.08
C ASP B 67 -0.19 -8.33 16.40
N ILE B 68 -1.08 -9.30 16.21
CA ILE B 68 -2.47 -9.04 15.79
C ILE B 68 -3.40 -9.92 16.64
N ILE B 69 -4.54 -9.36 17.05
CA ILE B 69 -5.55 -10.06 17.85
C ILE B 69 -6.89 -10.05 17.10
N HIS B 70 -7.41 -11.24 16.82
CA HIS B 70 -8.70 -11.43 16.15
C HIS B 70 -9.75 -11.94 17.15
N THR B 71 -10.88 -11.25 17.24
CA THR B 71 -12.11 -11.77 17.83
C THR B 71 -13.19 -11.62 16.76
N GLU B 72 -14.41 -12.12 17.04
CA GLU B 72 -15.49 -12.09 16.05
C GLU B 72 -15.94 -10.66 15.70
N LYS B 73 -15.75 -9.74 16.64
CA LYS B 73 -16.19 -8.34 16.49
C LYS B 73 -15.05 -7.30 16.53
N SER B 74 -13.79 -7.74 16.44
CA SER B 74 -12.66 -6.83 16.38
C SER B 74 -11.37 -7.41 15.77
N LEU B 75 -10.63 -6.54 15.09
CA LEU B 75 -9.25 -6.81 14.68
C LEU B 75 -8.36 -5.78 15.35
N THR B 76 -7.43 -6.24 16.18
CA THR B 76 -6.53 -5.34 16.91
C THR B 76 -5.11 -5.49 16.42
N LEU B 77 -4.49 -4.37 16.05
CA LEU B 77 -3.07 -4.32 15.66
C LEU B 77 -2.31 -3.89 16.87
N VAL B 78 -1.34 -4.67 17.27
CA VAL B 78 -0.54 -4.39 18.45
C VAL B 78 0.77 -3.73 17.99
N PHE B 79 0.90 -2.42 18.24
CA PHE B 79 2.11 -1.68 17.94
C PHE B 79 2.90 -1.46 19.22
N GLU B 80 4.20 -1.19 19.07
CA GLU B 80 5.00 -0.74 20.22
C GLU B 80 4.48 0.64 20.63
N TYR B 81 4.55 0.90 21.93
CA TYR B 81 4.19 2.20 22.48
C TYR B 81 5.41 3.12 22.54
N LEU B 82 5.17 4.37 22.15
CA LEU B 82 6.11 5.46 22.34
C LEU B 82 5.39 6.58 23.05
N ASP B 83 6.15 7.32 23.82
CA ASP B 83 5.60 8.21 24.84
C ASP B 83 4.96 9.46 24.27
N LYS B 84 5.55 9.99 23.19
CA LYS B 84 5.18 11.30 22.64
C LYS B 84 5.35 11.30 21.13
N ASP B 85 4.65 12.22 20.47
CA ASP B 85 5.00 12.55 19.10
C ASP B 85 5.95 13.78 19.13
N LEU B 86 6.44 14.18 17.96
CA LEU B 86 7.37 15.31 17.90
C LEU B 86 6.70 16.64 18.30
N LYS B 87 5.45 16.85 17.89
CA LYS B 87 4.72 18.09 18.23
C LYS B 87 4.57 18.22 19.74
N GLN B 88 4.22 17.12 20.40
CA GLN B 88 4.18 17.06 21.87
C GLN B 88 5.56 17.24 22.52
N TYR B 89 6.60 16.63 21.95
CA TYR B 89 7.97 16.79 22.47
C TYR B 89 8.39 18.26 22.43
N LEU B 90 8.08 18.92 21.32
CA LEU B 90 8.39 20.33 21.16
C LEU B 90 7.66 21.16 22.23
N ASP B 91 6.35 20.98 22.35
CA ASP B 91 5.54 21.70 23.34
C ASP B 91 6.10 21.57 24.75
N ASP B 92 6.45 20.35 25.13
CA ASP B 92 7.04 20.07 26.46
C ASP B 92 8.36 20.83 26.71
N CYS B 93 9.13 21.09 25.63
CA CYS B 93 10.38 21.85 25.70
C CYS B 93 10.23 23.35 25.42
N GLY B 94 9.01 23.88 25.43
CA GLY B 94 8.76 25.28 25.04
C GLY B 94 9.16 25.63 23.61
N ASN B 95 9.09 24.62 22.73
CA ASN B 95 9.51 24.73 21.34
C ASN B 95 11.03 24.94 21.12
N ILE B 96 11.85 24.68 22.14
CA ILE B 96 13.31 24.72 22.03
C ILE B 96 13.93 23.38 22.45
N ILE B 97 14.34 22.58 21.45
CA ILE B 97 15.00 21.30 21.66
C ILE B 97 16.49 21.53 21.57
N ASN B 98 17.24 20.98 22.51
CA ASN B 98 18.70 20.88 22.41
C ASN B 98 19.13 20.49 20.98
N MET B 99 20.15 21.15 20.44
CA MET B 99 20.61 20.85 19.07
C MET B 99 21.27 19.48 18.89
N HIS B 100 21.90 18.97 19.95
CA HIS B 100 22.41 17.60 19.95
C HIS B 100 21.25 16.63 19.66
N ASN B 101 20.13 16.85 20.33
CA ASN B 101 18.99 15.97 20.17
C ASN B 101 18.29 16.17 18.83
N VAL B 102 18.29 17.41 18.30
CA VAL B 102 17.80 17.67 16.96
C VAL B 102 18.58 16.77 15.99
N LYS B 103 19.89 16.75 16.14
CA LYS B 103 20.75 15.89 15.30
C LYS B 103 20.40 14.39 15.38
N LEU B 104 20.20 13.90 16.60
CA LEU B 104 19.75 12.52 16.84
C LEU B 104 18.39 12.25 16.20
N PHE B 105 17.45 13.17 16.40
CA PHE B 105 16.09 13.03 15.89
C PHE B 105 16.08 13.04 14.37
N LEU B 106 16.80 13.98 13.76
CA LEU B 106 16.86 14.07 12.30
C LEU B 106 17.58 12.87 11.69
N PHE B 107 18.69 12.46 12.30
CA PHE B 107 19.42 11.29 11.80
C PHE B 107 18.49 10.04 11.85
N GLN B 108 17.75 9.86 12.94
CA GLN B 108 16.83 8.71 13.05
C GLN B 108 15.70 8.75 12.00
N LEU B 109 15.12 9.94 11.81
CA LEU B 109 14.19 10.20 10.68
C LEU B 109 14.78 9.81 9.33
N LEU B 110 16.01 10.25 9.05
CA LEU B 110 16.66 9.90 7.78
C LEU B 110 16.89 8.40 7.68
N ARG B 111 17.36 7.84 8.78
CA ARG B 111 17.65 6.43 8.86
C ARG B 111 16.42 5.59 8.52
N GLY B 112 15.29 5.88 9.15
CA GLY B 112 14.06 5.13 8.88
C GLY B 112 13.54 5.31 7.48
N LEU B 113 13.51 6.56 7.02
CA LEU B 113 13.18 6.87 5.63
C LEU B 113 14.08 6.19 4.59
N ALA B 114 15.38 6.17 4.85
CA ALA B 114 16.32 5.57 3.85
C ALA B 114 16.00 4.10 3.63
N TYR B 115 15.76 3.40 4.74
CA TYR B 115 15.27 2.03 4.71
C TYR B 115 13.93 1.92 3.93
N CYS B 116 12.94 2.74 4.30
CA CYS B 116 11.66 2.72 3.54
C CYS B 116 11.91 2.85 2.03
N HIS B 117 12.78 3.79 1.66
CA HIS B 117 13.07 4.04 0.25
C HIS B 117 13.76 2.88 -0.42
N ARG B 118 14.73 2.26 0.25
CA ARG B 118 15.29 0.99 -0.23
C ARG B 118 14.24 -0.07 -0.48
N GLN B 119 13.27 -0.17 0.43
CA GLN B 119 12.15 -1.12 0.29
C GLN B 119 11.06 -0.63 -0.66
N LYS B 120 11.32 0.45 -1.41
CA LYS B 120 10.35 1.06 -2.34
C LYS B 120 9.05 1.48 -1.66
N VAL B 121 9.19 2.09 -0.50
CA VAL B 121 8.06 2.64 0.25
C VAL B 121 8.26 4.15 0.34
N LEU B 122 7.33 4.86 -0.28
CA LEU B 122 7.24 6.30 -0.21
C LEU B 122 6.33 6.59 0.97
N HIS B 123 6.81 7.32 1.98
CA HIS B 123 5.95 7.70 3.12
C HIS B 123 4.76 8.59 2.69
N ARG B 124 5.06 9.72 2.08
CA ARG B 124 4.08 10.61 1.42
C ARG B 124 3.20 11.47 2.35
N ASP B 125 3.43 11.39 3.65
CA ASP B 125 2.62 12.10 4.65
C ASP B 125 3.41 12.39 5.93
N LEU B 126 4.65 12.83 5.74
CA LEU B 126 5.52 13.23 6.86
C LEU B 126 5.01 14.48 7.54
N LYS B 127 4.96 14.42 8.86
CA LYS B 127 4.58 15.53 9.68
C LYS B 127 5.00 15.16 11.10
N PRO B 128 5.07 16.14 12.01
CA PRO B 128 5.50 15.82 13.39
C PRO B 128 4.62 14.81 14.13
N GLN B 129 3.34 14.73 13.74
CA GLN B 129 2.40 13.79 14.36
C GLN B 129 2.74 12.34 14.01
N ASN B 130 3.38 12.14 12.87
CA ASN B 130 3.78 10.81 12.43
C ASN B 130 5.20 10.45 12.84
N LEU B 131 5.83 11.26 13.69
CA LEU B 131 7.11 10.97 14.29
C LEU B 131 6.96 10.80 15.80
N LEU B 132 7.15 9.56 16.25
CA LEU B 132 6.93 9.17 17.64
C LEU B 132 8.27 9.07 18.32
N ILE B 133 8.34 9.56 19.55
CA ILE B 133 9.59 9.64 20.29
C ILE B 133 9.35 9.08 21.69
N ASN B 134 10.25 8.20 22.14
CA ASN B 134 10.13 7.60 23.46
C ASN B 134 11.13 8.20 24.43
N GLU B 135 11.00 7.84 25.71
CA GLU B 135 11.83 8.41 26.76
C GLU B 135 13.31 8.27 26.44
N ARG B 136 13.69 7.16 25.82
CA ARG B 136 15.09 6.90 25.46
C ARG B 136 15.64 7.85 24.37
N GLY B 137 14.76 8.50 23.63
CA GLY B 137 15.14 9.42 22.57
C GLY B 137 15.04 8.80 21.19
N GLU B 138 14.47 7.60 21.12
CA GLU B 138 14.32 6.88 19.86
C GLU B 138 13.16 7.48 19.08
N LEU B 139 13.41 7.84 17.83
CA LEU B 139 12.42 8.47 16.97
C LEU B 139 12.03 7.47 15.90
N LYS B 140 10.73 7.19 15.77
CA LYS B 140 10.26 6.18 14.84
C LYS B 140 9.16 6.70 13.91
N LEU B 141 9.28 6.40 12.64
CA LEU B 141 8.26 6.75 11.66
C LEU B 141 6.97 5.96 11.91
N ALA B 142 5.85 6.65 11.78
CA ALA B 142 4.54 6.05 11.77
C ALA B 142 3.73 6.65 10.60
N ASP B 143 2.54 6.12 10.40
CA ASP B 143 1.54 6.69 9.45
C ASP B 143 0.16 6.39 10.02
N PHE B 144 -0.45 7.38 10.66
CA PHE B 144 -1.75 7.17 11.28
C PHE B 144 -2.48 8.45 11.58
N GLY B 145 -3.79 8.35 11.73
CA GLY B 145 -4.67 9.49 12.00
C GLY B 145 -5.35 9.29 13.33
N LEU B 146 -5.09 10.19 14.28
CA LEU B 146 -5.59 10.04 15.63
C LEU B 146 -6.10 11.36 16.23
N ALA B 147 -7.42 11.49 16.31
CA ALA B 147 -8.05 12.59 17.01
C ALA B 147 -7.96 12.29 18.52
N ARG B 148 -7.37 13.21 19.28
CA ARG B 148 -7.03 12.98 20.69
C ARG B 148 -7.77 13.95 21.63
N ALA B 149 -7.87 13.58 22.91
CA ALA B 149 -8.41 14.49 23.95
C ALA B 149 -7.38 15.56 24.30
N VAL B 162 -2.53 21.33 9.02
CA VAL B 162 -1.34 20.48 8.96
C VAL B 162 -1.25 19.72 7.64
N THR B 163 -2.40 19.48 7.01
CA THR B 163 -2.51 18.77 5.72
C THR B 163 -1.31 19.00 4.77
N LEU B 164 -1.24 20.20 4.19
CA LEU B 164 -0.29 20.47 3.11
C LEU B 164 0.92 21.32 3.51
N TRP B 165 1.18 21.44 4.81
CA TRP B 165 2.38 22.11 5.31
C TRP B 165 3.70 21.44 4.86
N TYR B 166 3.67 20.13 4.64
CA TYR B 166 4.88 19.35 4.35
C TYR B 166 4.83 18.85 2.90
N ARG B 167 3.86 19.35 2.11
CA ARG B 167 3.68 18.97 0.71
C ARG B 167 4.69 19.76 -0.16
N PRO B 168 5.39 19.08 -1.09
CA PRO B 168 6.35 19.82 -1.89
C PRO B 168 5.70 20.63 -3.02
N PRO B 169 6.36 21.71 -3.44
CA PRO B 169 5.78 22.67 -4.40
C PRO B 169 5.60 22.11 -5.81
N ASP B 170 6.52 21.28 -6.29
CA ASP B 170 6.39 20.63 -7.59
C ASP B 170 5.21 19.67 -7.68
N ILE B 171 4.88 19.00 -6.58
CA ILE B 171 3.66 18.18 -6.53
C ILE B 171 2.39 19.05 -6.51
N LEU B 172 2.42 20.11 -5.71
CA LEU B 172 1.29 21.05 -5.62
C LEU B 172 0.98 21.75 -6.96
N LEU B 173 2.01 21.92 -7.80
CA LEU B 173 1.86 22.44 -9.17
C LEU B 173 1.79 21.35 -10.22
N GLY B 174 1.32 20.16 -9.83
CA GLY B 174 0.97 19.12 -10.78
C GLY B 174 2.06 18.34 -11.46
N SER B 175 3.29 18.35 -10.90
CA SER B 175 4.26 17.33 -11.30
C SER B 175 3.73 15.97 -10.92
N THR B 176 4.12 14.98 -11.72
CA THR B 176 3.70 13.59 -11.58
C THR B 176 4.89 12.64 -11.28
N ASP B 177 6.08 13.21 -11.05
CA ASP B 177 7.22 12.47 -10.52
C ASP B 177 6.93 12.23 -9.02
N TYR B 178 6.13 11.20 -8.75
CA TYR B 178 5.81 10.77 -7.39
C TYR B 178 6.84 9.75 -6.99
N SER B 179 8.00 10.26 -6.59
CA SER B 179 9.15 9.47 -6.23
C SER B 179 9.38 9.61 -4.73
N THR B 180 10.32 8.84 -4.20
CA THR B 180 10.73 8.93 -2.79
C THR B 180 11.20 10.33 -2.37
N GLN B 181 11.70 11.08 -3.35
CA GLN B 181 12.15 12.47 -3.17
C GLN B 181 11.08 13.42 -2.61
N ILE B 182 9.80 13.08 -2.82
CA ILE B 182 8.69 13.77 -2.13
C ILE B 182 8.96 13.90 -0.63
N ASP B 183 9.35 12.78 -0.02
CA ASP B 183 9.62 12.74 1.43
C ASP B 183 10.72 13.68 1.90
N MET B 184 11.71 13.91 1.06
CA MET B 184 12.85 14.71 1.41
C MET B 184 12.50 16.18 1.63
N TRP B 185 11.52 16.68 0.90
CA TRP B 185 10.98 18.02 1.16
C TRP B 185 10.37 18.09 2.56
N GLY B 186 9.49 17.15 2.86
CA GLY B 186 8.94 17.05 4.24
C GLY B 186 9.98 16.96 5.37
N VAL B 187 11.08 16.24 5.12
CA VAL B 187 12.21 16.18 6.05
C VAL B 187 12.79 17.57 6.28
N GLY B 188 13.02 18.30 5.20
CA GLY B 188 13.47 19.71 5.30
C GLY B 188 12.54 20.55 6.16
N CYS B 189 11.24 20.45 5.92
CA CYS B 189 10.24 21.18 6.71
C CYS B 189 10.30 20.78 8.19
N ILE B 190 10.43 19.49 8.44
CA ILE B 190 10.47 18.98 9.82
C ILE B 190 11.76 19.41 10.53
N PHE B 191 12.88 19.37 9.82
CA PHE B 191 14.17 19.82 10.33
C PHE B 191 14.10 21.26 10.83
N TYR B 192 13.53 22.15 10.01
CA TYR B 192 13.32 23.54 10.41
C TYR B 192 12.46 23.65 11.67
N GLU B 193 11.38 22.87 11.69
CA GLU B 193 10.44 22.87 12.80
C GLU B 193 11.11 22.37 14.09
N MET B 194 12.01 21.39 13.97
CA MET B 194 12.77 20.92 15.13
C MET B 194 13.72 21.99 15.66
N ALA B 195 14.37 22.72 14.76
CA ALA B 195 15.37 23.72 15.11
C ALA B 195 14.79 25.07 15.60
N THR B 196 13.60 25.45 15.14
CA THR B 196 12.97 26.72 15.53
C THR B 196 11.75 26.56 16.41
N GLY B 197 11.08 25.41 16.31
CA GLY B 197 9.84 25.19 17.04
C GLY B 197 8.58 25.61 16.30
N ARG B 198 8.72 26.23 15.13
CA ARG B 198 7.54 26.65 14.38
C ARG B 198 7.51 26.00 13.00
N PRO B 199 6.30 25.81 12.44
CA PRO B 199 6.22 25.27 11.09
C PRO B 199 6.79 26.24 10.06
N LEU B 200 7.46 25.70 9.05
CA LEU B 200 8.16 26.49 8.09
C LEU B 200 7.16 27.15 7.14
N PHE B 201 6.26 26.34 6.60
CA PHE B 201 5.31 26.73 5.59
C PHE B 201 3.88 26.33 5.98
N PRO B 202 3.25 27.08 6.89
CA PRO B 202 1.90 26.74 7.35
C PRO B 202 0.71 27.26 6.49
N GLY B 203 0.55 26.76 5.27
CA GLY B 203 -0.54 27.25 4.39
C GLY B 203 -1.89 26.60 4.62
N SER B 204 -2.96 27.38 4.45
CA SER B 204 -4.35 26.87 4.50
C SER B 204 -4.90 26.44 3.13
N THR B 205 -4.28 26.88 2.05
CA THR B 205 -4.75 26.54 0.72
C THR B 205 -3.54 26.26 -0.14
N VAL B 206 -3.75 25.52 -1.21
CA VAL B 206 -2.66 25.23 -2.17
C VAL B 206 -1.99 26.53 -2.65
N GLU B 207 -2.78 27.59 -2.86
CA GLU B 207 -2.25 28.89 -3.34
C GLU B 207 -1.40 29.55 -2.28
N GLU B 208 -1.95 29.63 -1.08
CA GLU B 208 -1.24 30.23 0.04
C GLU B 208 0.04 29.44 0.43
N GLN B 209 -0.02 28.11 0.35
CA GLN B 209 1.14 27.24 0.65
C GLN B 209 2.34 27.57 -0.23
N LEU B 210 2.11 27.56 -1.55
CA LEU B 210 3.09 27.96 -2.58
C LEU B 210 3.62 29.37 -2.37
N HIS B 211 2.76 30.25 -1.89
CA HIS B 211 3.12 31.62 -1.58
C HIS B 211 4.10 31.70 -0.42
N PHE B 212 3.81 30.93 0.62
CA PHE B 212 4.70 30.84 1.78
C PHE B 212 6.05 30.26 1.38
N ILE B 213 6.03 29.25 0.52
CA ILE B 213 7.27 28.65 0.02
C ILE B 213 8.07 29.65 -0.81
N PHE B 214 7.42 30.26 -1.80
CA PHE B 214 8.09 31.19 -2.70
C PHE B 214 8.58 32.47 -1.99
N ARG B 215 7.91 32.87 -0.92
CA ARG B 215 8.38 33.96 -0.05
C ARG B 215 9.77 33.75 0.50
N ILE B 216 10.11 32.50 0.81
CA ILE B 216 11.39 32.19 1.47
C ILE B 216 12.45 31.75 0.47
N LEU B 217 12.06 30.91 -0.48
CA LEU B 217 12.98 30.37 -1.49
C LEU B 217 13.04 31.22 -2.76
N GLY B 218 12.16 32.22 -2.84
CA GLY B 218 12.10 33.12 -3.99
C GLY B 218 11.23 32.48 -5.02
N THR B 219 10.63 33.29 -5.88
CA THR B 219 9.73 32.81 -6.92
C THR B 219 10.55 32.10 -8.00
N PRO B 220 10.04 30.94 -8.48
CA PRO B 220 10.76 30.22 -9.52
C PRO B 220 10.92 30.99 -10.81
N THR B 221 12.02 30.70 -11.50
CA THR B 221 12.31 31.22 -12.82
C THR B 221 12.80 30.03 -13.64
N GLU B 222 12.91 30.23 -14.95
CA GLU B 222 13.37 29.17 -15.86
C GLU B 222 14.78 28.64 -15.51
N GLU B 223 15.61 29.47 -14.89
CA GLU B 223 16.94 29.04 -14.46
C GLU B 223 16.91 28.21 -13.17
N THR B 224 16.05 28.58 -12.20
CA THR B 224 15.86 27.79 -10.97
C THR B 224 14.82 26.63 -11.10
N TRP B 225 14.06 26.61 -12.18
CA TRP B 225 13.04 25.57 -12.39
C TRP B 225 12.67 25.51 -13.89
N PRO B 226 13.52 24.87 -14.71
CA PRO B 226 13.25 24.77 -16.15
C PRO B 226 11.84 24.33 -16.46
N GLY B 227 11.15 25.11 -17.30
CA GLY B 227 9.77 24.84 -17.73
C GLY B 227 8.66 25.48 -16.93
N ILE B 228 8.99 26.15 -15.82
CA ILE B 228 7.98 26.63 -14.87
C ILE B 228 7.05 27.73 -15.41
N LEU B 229 7.53 28.53 -16.35
CA LEU B 229 6.68 29.56 -16.95
C LEU B 229 5.63 28.95 -17.89
N SER B 230 5.96 27.81 -18.49
CA SER B 230 5.02 27.02 -19.31
C SER B 230 4.10 26.07 -18.51
N ASN B 231 4.15 26.14 -17.17
CA ASN B 231 3.21 25.42 -16.31
C ASN B 231 1.93 26.24 -16.23
N GLU B 232 0.84 25.65 -16.73
CA GLU B 232 -0.46 26.32 -16.84
C GLU B 232 -1.00 26.71 -15.48
N GLU B 233 -0.82 25.82 -14.50
CA GLU B 233 -1.28 26.06 -13.12
C GLU B 233 -0.46 27.18 -12.48
N PHE B 234 0.85 27.20 -12.75
CA PHE B 234 1.73 28.24 -12.21
C PHE B 234 1.32 29.63 -12.66
N LYS B 235 1.20 29.82 -13.97
CA LYS B 235 0.86 31.12 -14.56
C LYS B 235 -0.45 31.63 -13.98
N THR B 236 -1.49 30.78 -13.99
CA THR B 236 -2.82 31.13 -13.47
C THR B 236 -2.77 31.74 -12.06
N TYR B 237 -2.05 31.09 -11.15
CA TYR B 237 -1.90 31.61 -9.78
C TYR B 237 -1.37 33.04 -9.82
N ASN B 238 -0.33 33.26 -10.63
CA ASN B 238 0.25 34.59 -10.88
C ASN B 238 0.82 35.22 -9.60
N TYR B 239 2.05 34.82 -9.26
CA TYR B 239 2.73 35.29 -8.04
C TYR B 239 3.58 36.53 -8.31
N PRO B 240 3.84 37.35 -7.26
CA PRO B 240 4.86 38.37 -7.37
C PRO B 240 6.26 37.76 -7.33
N LYS B 241 7.24 38.46 -7.90
CA LYS B 241 8.61 37.99 -7.93
C LYS B 241 9.27 38.20 -6.57
N TYR B 242 9.28 37.14 -5.75
CA TYR B 242 10.03 37.14 -4.48
C TYR B 242 11.51 36.85 -4.74
N ARG B 243 12.37 37.51 -3.97
CA ARG B 243 13.80 37.18 -3.92
C ARG B 243 13.98 36.16 -2.79
N ALA B 244 14.89 35.22 -3.00
CA ALA B 244 15.22 34.22 -1.97
C ALA B 244 15.69 34.92 -0.71
N GLU B 245 15.23 34.44 0.46
CA GLU B 245 15.75 34.86 1.77
C GLU B 245 16.65 33.78 2.34
N ALA B 246 17.61 34.19 3.18
CA ALA B 246 18.59 33.28 3.77
C ALA B 246 17.92 32.45 4.86
N LEU B 247 17.87 31.13 4.64
CA LEU B 247 17.29 30.18 5.60
C LEU B 247 17.96 30.34 6.97
N LEU B 248 19.30 30.46 6.94
CA LEU B 248 20.10 30.72 8.14
C LEU B 248 19.59 31.84 9.05
N SER B 249 19.09 32.93 8.48
CA SER B 249 18.49 34.02 9.28
C SER B 249 17.12 33.63 9.88
N HIS B 250 16.33 32.86 9.15
CA HIS B 250 15.05 32.32 9.67
C HIS B 250 15.26 31.30 10.79
N ALA B 251 16.25 30.43 10.61
CA ALA B 251 16.63 29.44 11.62
C ALA B 251 18.06 29.73 12.08
N PRO B 252 18.23 30.71 12.99
CA PRO B 252 19.57 31.09 13.47
C PRO B 252 20.28 30.03 14.32
N ARG B 253 19.54 29.17 15.02
CA ARG B 253 20.16 28.08 15.82
C ARG B 253 20.96 27.09 14.95
N LEU B 254 20.65 27.02 13.66
CA LEU B 254 21.44 26.21 12.73
C LEU B 254 22.78 26.89 12.48
N ASP B 255 23.83 26.07 12.42
CA ASP B 255 25.12 26.51 11.92
C ASP B 255 25.04 26.52 10.40
N SER B 256 26.15 26.77 9.72
CA SER B 256 26.16 26.79 8.27
C SER B 256 26.03 25.40 7.63
N ASP B 257 26.36 24.34 8.37
CA ASP B 257 26.12 22.95 7.90
C ASP B 257 24.63 22.64 7.90
N GLY B 258 23.97 22.98 9.00
CA GLY B 258 22.53 22.89 9.15
C GLY B 258 21.75 23.59 8.05
N ALA B 259 22.16 24.82 7.74
CA ALA B 259 21.55 25.55 6.63
C ALA B 259 21.85 24.90 5.30
N ASP B 260 23.05 24.38 5.14
CA ASP B 260 23.40 23.74 3.87
C ASP B 260 22.52 22.51 3.66
N LEU B 261 22.34 21.72 4.71
CA LEU B 261 21.52 20.51 4.59
C LEU B 261 20.08 20.93 4.30
N LEU B 262 19.59 21.91 5.05
CA LEU B 262 18.22 22.43 4.83
C LEU B 262 17.96 22.88 3.38
N THR B 263 18.93 23.57 2.79
CA THR B 263 18.86 24.04 1.39
C THR B 263 18.78 22.86 0.44
N LYS B 264 19.61 21.86 0.69
CA LYS B 264 19.64 20.66 -0.13
C LYS B 264 18.40 19.78 -0.06
N LEU B 265 17.65 19.90 1.03
CA LEU B 265 16.34 19.22 1.16
C LEU B 265 15.24 20.03 0.48
N LEU B 266 15.28 21.35 0.66
CA LEU B 266 14.25 22.24 0.14
C LEU B 266 14.54 22.75 -1.28
N GLN B 267 14.76 21.83 -2.20
CA GLN B 267 14.80 22.11 -3.64
C GLN B 267 13.39 22.01 -4.23
N PHE B 268 13.08 22.91 -5.18
CA PHE B 268 11.76 22.97 -5.82
C PHE B 268 11.34 21.62 -6.39
N GLU B 269 12.25 20.99 -7.12
CA GLU B 269 11.97 19.76 -7.84
C GLU B 269 12.63 18.56 -7.18
N GLY B 270 11.84 17.48 -7.05
CA GLY B 270 12.22 16.29 -6.32
C GLY B 270 13.55 15.71 -6.73
N ARG B 271 13.77 15.60 -8.04
CA ARG B 271 15.02 15.03 -8.57
C ARG B 271 16.29 15.76 -8.12
N ASN B 272 16.19 17.04 -7.75
CA ASN B 272 17.36 17.81 -7.26
C ASN B 272 17.60 17.75 -5.75
N ARG B 273 16.68 17.13 -5.01
CA ARG B 273 16.82 17.05 -3.57
C ARG B 273 17.86 15.99 -3.18
N ILE B 274 18.55 16.26 -2.10
CA ILE B 274 19.41 15.25 -1.49
C ILE B 274 18.56 14.03 -0.99
N SER B 275 19.04 12.83 -1.30
CA SER B 275 18.41 11.60 -0.82
C SER B 275 18.70 11.40 0.68
N ALA B 276 17.87 10.56 1.31
CA ALA B 276 18.03 10.24 2.73
C ALA B 276 19.41 9.64 3.02
N GLU B 277 19.89 8.73 2.18
CA GLU B 277 21.24 8.15 2.35
C GLU B 277 22.34 9.21 2.26
N ASP B 278 22.31 10.04 1.22
CA ASP B 278 23.24 11.18 1.14
C ASP B 278 23.08 12.17 2.28
N ALA B 279 21.85 12.43 2.75
CA ALA B 279 21.70 13.38 3.87
C ALA B 279 22.38 12.87 5.15
N MET B 280 22.31 11.58 5.40
CA MET B 280 22.98 11.02 6.58
C MET B 280 24.50 11.17 6.50
N LYS B 281 25.03 11.16 5.28
CA LYS B 281 26.46 11.40 5.04
C LYS B 281 26.87 12.86 5.09
N HIS B 282 25.95 13.77 5.39
CA HIS B 282 26.21 15.20 5.34
C HIS B 282 27.04 15.61 6.59
N PRO B 283 27.91 16.65 6.47
CA PRO B 283 28.77 17.13 7.58
C PRO B 283 28.09 17.51 8.88
N PHE B 284 26.85 17.99 8.79
CA PHE B 284 25.96 18.25 9.93
C PHE B 284 25.91 17.14 10.97
N PHE B 285 26.05 15.89 10.52
CA PHE B 285 26.03 14.75 11.42
C PHE B 285 27.40 14.24 11.86
N LEU B 286 28.48 14.94 11.52
CA LEU B 286 29.85 14.52 11.93
C LEU B 286 30.01 14.38 13.42
N SER B 287 29.33 15.22 14.19
CA SER B 287 29.41 15.13 15.67
C SER B 287 28.80 13.86 16.30
N LEU B 288 28.11 13.03 15.49
CA LEU B 288 27.52 11.78 15.98
C LEU B 288 28.45 10.58 15.89
N GLY B 289 29.55 10.70 15.15
CA GLY B 289 30.55 9.65 15.09
C GLY B 289 30.44 8.76 13.88
N GLU B 290 31.39 7.85 13.76
CA GLU B 290 31.50 6.92 12.64
C GLU B 290 30.67 5.63 12.81
N ARG B 291 30.47 5.16 14.04
CA ARG B 291 29.88 3.82 14.27
C ARG B 291 28.39 3.73 13.95
N ILE B 292 27.66 4.80 14.27
CA ILE B 292 26.23 4.94 13.97
C ILE B 292 25.84 4.64 12.49
N HIS B 293 26.76 4.86 11.56
CA HIS B 293 26.49 4.59 10.14
C HIS B 293 26.55 3.11 9.77
N LYS B 294 27.15 2.28 10.62
CA LYS B 294 27.39 0.87 10.31
C LYS B 294 26.49 -0.07 11.12
N LEU B 295 25.50 0.47 11.83
CA LEU B 295 24.60 -0.34 12.64
C LEU B 295 23.64 -1.16 11.78
N PRO B 296 23.24 -2.34 12.26
CA PRO B 296 22.17 -3.04 11.60
C PRO B 296 20.85 -2.26 11.67
N ASP B 297 20.03 -2.48 10.65
CA ASP B 297 18.68 -1.95 10.54
C ASP B 297 17.87 -2.06 11.81
N THR B 298 17.97 -3.20 12.50
CA THR B 298 17.19 -3.47 13.71
C THR B 298 17.75 -2.82 14.97
N THR B 299 18.97 -2.29 14.93
CA THR B 299 19.58 -1.81 16.14
C THR B 299 19.29 -0.33 16.38
N SER B 300 18.93 0.01 17.61
CA SER B 300 18.81 1.40 18.05
C SER B 300 20.16 2.10 17.93
N ILE B 301 20.14 3.38 17.59
CA ILE B 301 21.36 4.18 17.65
C ILE B 301 21.82 4.33 19.09
N PHE B 302 20.90 4.26 20.04
CA PHE B 302 21.29 4.37 21.46
C PHE B 302 21.99 3.11 22.01
N ALA B 303 22.05 2.04 21.22
CA ALA B 303 22.88 0.90 21.56
C ALA B 303 24.38 1.24 21.67
N LEU B 304 24.83 2.34 21.06
CA LEU B 304 26.27 2.67 20.97
C LEU B 304 26.97 3.29 22.20
N LYS B 305 26.27 3.90 23.14
CA LYS B 305 26.93 4.40 24.39
C LYS B 305 27.59 5.76 24.18
N GLU B 306 28.39 5.87 23.12
CA GLU B 306 28.73 7.19 22.56
C GLU B 306 27.49 7.99 22.05
N ILE B 307 26.39 7.30 21.76
CA ILE B 307 25.13 7.98 21.42
C ILE B 307 24.20 8.06 22.64
N GLN B 308 24.02 9.28 23.15
CA GLN B 308 23.18 9.54 24.30
C GLN B 308 22.36 10.78 24.09
N LEU B 309 21.17 10.76 24.67
CA LEU B 309 20.26 11.87 24.63
C LEU B 309 20.73 12.91 25.65
N GLN B 310 20.83 14.18 25.24
CA GLN B 310 21.17 15.25 26.18
C GLN B 310 19.92 15.72 26.91
N LYS B 311 20.07 16.06 28.18
CA LYS B 311 18.96 16.57 29.01
C LYS B 311 18.51 17.91 28.47
N GLU B 312 17.20 18.07 28.32
CA GLU B 312 16.63 19.32 27.85
C GLU B 312 16.62 20.32 29.01
N ALA B 313 16.59 21.61 28.67
CA ALA B 313 16.28 22.65 29.63
C ALA B 313 14.82 23.07 29.36
N SER B 314 13.89 22.31 29.94
CA SER B 314 12.44 22.42 29.68
C SER B 314 11.97 23.80 29.23
C1 919 C . -3.74 -0.20 -6.37
C2 919 C . -2.71 0.22 -5.53
C3 919 C . -2.95 1.16 -4.57
C4 919 C . -4.23 1.70 -4.41
C5 919 C . -5.28 1.27 -5.26
C6 919 C . -4.99 0.29 -6.25
C9 919 C . -5.68 3.14 -3.28
N10 919 C . -4.45 2.65 -3.44
C13 919 C . -6.56 1.82 -5.07
C14 919 C . -6.75 2.74 -4.08
C22 919 C . -8.65 -1.12 -18.06
N23 919 C . -9.84 -1.69 -18.34
C24 919 C . -10.90 -1.39 -17.59
C25 919 C . -10.81 -0.53 -16.51
C26 919 C . -9.58 0.04 -16.23
C27 919 C . -8.48 -0.26 -17.01
C34 919 C . -7.02 -0.48 -12.87
C35 919 C . -7.93 -0.39 -13.91
C36 919 C . -8.64 0.77 -14.11
C37 919 C . -8.44 1.86 -13.28
C38 919 C . -7.54 1.76 -12.26
C39 919 C . -6.80 0.59 -12.03
C46 919 C . -2.62 -3.06 -8.09
C47 919 C . -3.25 -2.40 -9.14
C48 919 C . -3.78 -1.25 -8.66
N49 919 C . -3.45 -1.19 -7.35
N50 919 C . -2.73 -2.33 -6.99
N56 919 C . -4.50 -0.28 -9.33
C58 919 C . -5.34 -0.53 -10.38
N60 919 C . -5.89 0.57 -10.95
O63 919 C . -5.53 -1.67 -10.77
O65 919 C . -9.57 0.90 -15.13
F68 919 C . -7.34 2.81 -11.44
C70 919 C . -12.21 -2.05 -17.91
O72 919 C . -13.16 -1.96 -17.13
N74 919 C . -12.27 -2.73 -19.07
C76 919 C . -13.43 -3.52 -19.44
C79 919 C . -1.88 -4.37 -8.09
C81 919 C . -1.74 -4.91 -6.66
C83 919 C . -2.64 -5.39 -8.93
C85 919 C . -0.51 -4.16 -8.68
C1 EDO D . 0.04 -11.56 -21.75
O1 EDO D . 0.58 -12.61 -20.95
C2 EDO D . 0.23 -10.18 -21.14
O2 EDO D . 0.63 -9.29 -22.17
C1 EDO E . -3.41 -1.78 -19.56
O1 EDO E . -3.76 -2.01 -18.21
C2 EDO E . -2.44 -2.78 -20.17
O2 EDO E . -2.85 -3.14 -21.51
C1 919 F . 0.75 2.10 7.11
C2 919 F . 0.88 1.29 5.99
C3 919 F . -0.22 0.92 5.28
C4 919 F . -1.50 1.37 5.66
C5 919 F . -1.61 2.20 6.80
C6 919 F . -0.44 2.56 7.52
C9 919 F . -3.79 1.44 5.29
N10 919 F . -2.60 1.00 4.93
C13 919 F . -2.91 2.63 7.16
C14 919 F . -3.98 2.25 6.40
C22 919 F . 2.51 4.30 19.54
N23 919 F . 2.29 5.38 20.30
C24 919 F . 1.15 6.07 20.09
C25 919 F . 0.21 5.69 19.14
C26 919 F . 0.46 4.58 18.39
C27 919 F . 1.63 3.86 18.58
C34 919 F . 1.20 3.77 14.25
C35 919 F . 0.95 4.19 15.55
C36 919 F . -0.23 3.88 16.16
C37 919 F . -1.20 3.16 15.48
C38 919 F . -0.95 2.75 14.21
C39 919 F . 0.24 3.03 13.56
C46 919 F . 4.04 3.04 7.88
C47 919 F . 3.56 2.89 9.17
C48 919 F . 2.25 2.55 9.11
N49 919 F . 1.96 2.46 7.78
N50 919 F . 3.07 2.77 7.03
N56 919 F . 1.34 2.32 10.14
C58 919 F . 1.38 2.94 11.36
N60 919 F . 0.40 2.56 12.24
O63 919 F . 2.23 3.77 11.60
O65 919 F . -0.53 4.28 17.46
F68 919 F . -1.88 2.03 13.54
C70 919 F . 0.91 7.29 20.94
O72 919 F . 0.05 8.11 20.61
N74 919 F . 1.68 7.40 22.02
C76 919 F . 1.64 8.59 22.86
C79 919 F . 5.42 3.42 7.38
C81 919 F . 6.25 2.15 7.18
C83 919 F . 5.31 4.14 6.05
C85 919 F . 6.12 4.31 8.39
C1 EDO G . 24.07 6.76 4.82
O1 EDO G . 24.24 6.52 3.43
C2 EDO G . 25.09 6.00 5.64
O2 EDO G . 25.22 6.62 6.92
C1 EDO H . 15.41 27.14 -4.74
O1 EDO H . 16.81 26.88 -4.92
C2 EDO H . 14.77 25.79 -4.53
O2 EDO H . 15.06 24.92 -5.63
#